data_9KMK
#
_entry.id   9KMK
#
_cell.length_a   1.00
_cell.length_b   1.00
_cell.length_c   1.00
_cell.angle_alpha   90.00
_cell.angle_beta   90.00
_cell.angle_gamma   90.00
#
_symmetry.space_group_name_H-M   'P 1'
#
loop_
_entity.id
_entity.type
_entity.pdbx_description
1 polymer 'heavy chain of 9D5 fab'
2 polymer 'light chain of 9D5 fab'
3 polymer 'Sodium- and chloride-dependent taurine transporter'
4 non-polymer 'CHLORIDE ION'
#
loop_
_entity_poly.entity_id
_entity_poly.type
_entity_poly.pdbx_seq_one_letter_code
_entity_poly.pdbx_strand_id
1 'polypeptide(L)'
;EVQLVESGGGLVKPGGSLKLSCAASGFTFSSYAMSWVRQSPEKRLEWVAEISSGGRYIYYSDTVTGRFTISRDNARNILH
LEMSSLRSEDTAMYYCARGEVRQRGFDYWGQGTTLTVS
;
H
2 'polypeptide(L)'
;ENVLTQSPAIMSTSPGEKVTMTCRASSSVGSSYLHWYQQKSGASPKLWIYSTSNLASGVPARFSGSGSGTSYSLTISSVE
AEDAATYYCQQFSGYPLTFGSGTKLEMK
;
L
3 'polypeptide(L)'
;MATKEKLQCLKDFHKDILKPSPGKSPGTRPEDEADGKPPQREKWSSKIDFVLSVAGGFVGLGNVWRFPYLCYKNGGGAFL
IPYFIFLFGSGLPVFFLEVIIGQYTSEGGITCWEKICPLFSGIGYASIVIVSLLNVYYIVILAWATYYLFHSFQKDLPWA
HCNHSWNTPQCMEDTLRRNESHWVSLSTANFTSPVIEFWERNVLSLSSGIDNPGSLKWDLALCLLLVWLVCFFCIWKGVR
STGKVVYFTATFPFAMLLVLLVRGLTLPGAGEGIKFYLYPDISRLGDPQVWIDAGTQIFFSYAICLGAMTSLGSYNKYKY
NSYRDCMLLGCLNSGTSFVSGFAIFSILGFMAQEQGVDIADVAESGPGLAFIAYPKAVTMMPLPTFWSILFFIMLLLLGL
DSQFVEVEGQITSLVDLYPSFLRKGYRREIFIAILCSISYLLGLTMVTEGGMYVFQLFDYYAASGVCLLWVAFFECFVIA
WIYGVNRFSEDIRDMIGYRPGPWMKYSWAVITPALCVGCFVFSLVKYVPLTYNKVYRYPDWAIGLGWGLALSSMLCIPLV
IVILLCRTEGPLRVRIKYLITPREPNRWAVEREGATPFHSRVTLMNGALMKPSHVIVETMM
;
A
#
loop_
_chem_comp.id
_chem_comp.type
_chem_comp.name
_chem_comp.formula
CL non-polymer 'CHLORIDE ION' 'Cl -1'
#
# COMPACT_ATOMS: atom_id res chain seq x y z
N GLU A 1 -17.53 -32.51 4.49
CA GLU A 1 -18.40 -32.13 3.38
C GLU A 1 -19.29 -30.95 3.76
N VAL A 2 -19.30 -29.92 2.90
CA VAL A 2 -20.12 -28.74 3.14
C VAL A 2 -21.55 -29.06 2.73
N GLN A 3 -22.47 -28.94 3.68
CA GLN A 3 -23.88 -29.20 3.42
C GLN A 3 -24.70 -27.99 3.87
N LEU A 4 -25.70 -27.65 3.05
CA LEU A 4 -26.63 -26.58 3.34
C LEU A 4 -28.04 -27.14 3.23
N VAL A 5 -28.80 -27.08 4.31
CA VAL A 5 -30.15 -27.62 4.35
C VAL A 5 -31.11 -26.47 4.63
N GLU A 6 -32.07 -26.27 3.74
CA GLU A 6 -33.10 -25.25 3.91
C GLU A 6 -34.39 -25.90 4.38
N SER A 7 -35.15 -25.15 5.17
CA SER A 7 -36.38 -25.65 5.74
C SER A 7 -37.34 -24.49 5.93
N GLY A 8 -38.52 -24.79 6.47
CA GLY A 8 -39.48 -23.74 6.74
C GLY A 8 -40.17 -23.18 5.52
N GLY A 9 -40.28 -23.97 4.45
CA GLY A 9 -40.98 -23.55 3.24
C GLY A 9 -42.32 -24.23 3.12
N GLY A 10 -43.32 -23.47 2.70
CA GLY A 10 -44.65 -24.02 2.57
C GLY A 10 -45.60 -23.00 1.98
N LEU A 11 -46.88 -23.36 1.98
CA LEU A 11 -47.91 -22.50 1.40
C LEU A 11 -48.33 -21.46 2.44
N VAL A 12 -48.36 -20.20 2.02
CA VAL A 12 -48.79 -19.10 2.88
C VAL A 12 -49.81 -18.25 2.12
N LYS A 13 -50.62 -17.53 2.89
CA LYS A 13 -51.57 -16.60 2.30
C LYS A 13 -50.83 -15.41 1.70
N PRO A 14 -51.40 -14.76 0.68
CA PRO A 14 -50.82 -13.51 0.19
C PRO A 14 -50.86 -12.41 1.25
N GLY A 15 -49.80 -11.61 1.29
CA GLY A 15 -49.66 -10.60 2.32
C GLY A 15 -49.27 -11.13 3.68
N GLY A 16 -48.88 -12.40 3.77
CA GLY A 16 -48.52 -13.02 5.03
C GLY A 16 -47.03 -12.95 5.31
N SER A 17 -46.54 -13.96 6.02
CA SER A 17 -45.13 -14.02 6.39
C SER A 17 -44.73 -15.48 6.59
N LEU A 18 -43.44 -15.76 6.39
CA LEU A 18 -42.90 -17.09 6.65
C LEU A 18 -41.40 -16.94 6.89
N LYS A 19 -40.86 -17.82 7.72
CA LYS A 19 -39.46 -17.75 8.15
C LYS A 19 -38.71 -18.97 7.65
N LEU A 20 -37.77 -18.75 6.72
CA LEU A 20 -36.91 -19.81 6.24
C LEU A 20 -35.73 -20.01 7.18
N SER A 21 -35.06 -21.15 7.05
CA SER A 21 -33.95 -21.47 7.96
C SER A 21 -32.95 -22.32 7.19
N CYS A 22 -31.93 -21.68 6.63
CA CYS A 22 -30.79 -22.39 6.04
C CYS A 22 -29.85 -22.82 7.14
N ALA A 23 -29.84 -24.12 7.44
CA ALA A 23 -28.94 -24.69 8.43
C ALA A 23 -27.74 -25.29 7.71
N ALA A 24 -26.53 -24.86 8.08
CA ALA A 24 -25.32 -25.27 7.40
C ALA A 24 -24.31 -25.82 8.39
N SER A 25 -23.53 -26.80 7.93
CA SER A 25 -22.53 -27.45 8.77
C SER A 25 -21.39 -27.90 7.88
N GLY A 26 -20.35 -28.43 8.50
CA GLY A 26 -19.17 -28.87 7.79
C GLY A 26 -18.15 -27.79 7.50
N PHE A 27 -18.42 -26.56 7.93
CA PHE A 27 -17.52 -25.44 7.72
C PHE A 27 -17.85 -24.37 8.74
N THR A 28 -16.92 -23.45 8.94
CA THR A 28 -17.15 -22.37 9.89
C THR A 28 -18.14 -21.36 9.30
N PHE A 29 -19.20 -21.06 10.03
CA PHE A 29 -20.27 -20.25 9.49
C PHE A 29 -20.03 -18.76 9.69
N SER A 30 -19.14 -18.39 10.62
CA SER A 30 -18.89 -16.99 10.90
C SER A 30 -17.97 -16.34 9.88
N SER A 31 -17.30 -17.13 9.05
CA SER A 31 -16.29 -16.63 8.15
C SER A 31 -16.75 -16.52 6.70
N TYR A 32 -17.97 -16.96 6.39
CA TYR A 32 -18.43 -16.98 5.01
C TYR A 32 -19.75 -16.24 4.87
N ALA A 33 -19.79 -15.28 3.96
CA ALA A 33 -21.02 -14.56 3.68
C ALA A 33 -22.02 -15.46 2.97
N MET A 34 -23.30 -15.19 3.19
CA MET A 34 -24.37 -16.06 2.73
C MET A 34 -25.43 -15.27 1.99
N SER A 35 -26.07 -15.92 1.03
CA SER A 35 -27.09 -15.28 0.22
C SER A 35 -28.29 -16.21 0.09
N TRP A 36 -29.44 -15.61 -0.20
CA TRP A 36 -30.65 -16.33 -0.53
C TRP A 36 -30.95 -16.07 -2.00
N VAL A 37 -31.04 -17.14 -2.79
CA VAL A 37 -31.33 -17.06 -4.21
C VAL A 37 -32.61 -17.83 -4.46
N ARG A 38 -33.60 -17.18 -5.06
CA ARG A 38 -34.87 -17.80 -5.34
C ARG A 38 -34.99 -18.13 -6.82
N GLN A 39 -35.84 -19.11 -7.12
CA GLN A 39 -36.03 -19.57 -8.49
C GLN A 39 -37.52 -19.66 -8.77
N SER A 40 -37.98 -18.90 -9.75
CA SER A 40 -39.38 -18.87 -10.12
C SER A 40 -39.79 -20.21 -10.74
N PRO A 41 -41.10 -20.52 -10.73
CA PRO A 41 -41.57 -21.70 -11.49
C PRO A 41 -41.34 -21.62 -12.99
N GLU A 42 -41.08 -20.43 -13.53
CA GLU A 42 -40.59 -20.28 -14.89
C GLU A 42 -39.10 -20.56 -15.02
N LYS A 43 -38.44 -20.96 -13.93
CA LYS A 43 -37.04 -21.37 -13.88
C LYS A 43 -36.09 -20.25 -14.32
N ARG A 44 -36.21 -19.13 -13.61
CA ARG A 44 -35.23 -18.04 -13.69
C ARG A 44 -34.71 -17.79 -12.29
N LEU A 45 -33.41 -17.56 -12.17
CA LEU A 45 -32.78 -17.38 -10.88
C LEU A 45 -32.72 -15.90 -10.54
N GLU A 46 -33.13 -15.55 -9.33
CA GLU A 46 -33.09 -14.19 -8.85
C GLU A 46 -32.48 -14.18 -7.46
N TRP A 47 -31.46 -13.34 -7.27
CA TRP A 47 -30.85 -13.21 -5.96
C TRP A 47 -31.74 -12.34 -5.09
N VAL A 48 -32.02 -12.80 -3.88
CA VAL A 48 -32.97 -12.13 -3.00
C VAL A 48 -32.23 -11.24 -2.02
N ALA A 49 -31.31 -11.82 -1.26
CA ALA A 49 -30.74 -11.10 -0.11
C ALA A 49 -29.43 -11.75 0.29
N GLU A 50 -28.38 -10.94 0.41
CA GLU A 50 -27.08 -11.40 0.87
C GLU A 50 -26.74 -10.74 2.20
N ILE A 51 -26.34 -11.53 3.18
CA ILE A 51 -25.81 -11.04 4.45
C ILE A 51 -24.31 -11.32 4.47
N SER A 52 -23.55 -10.44 5.11
CA SER A 52 -22.10 -10.56 5.12
C SER A 52 -21.68 -11.56 6.19
N SER A 53 -20.37 -11.62 6.48
CA SER A 53 -19.84 -12.65 7.36
C SER A 53 -20.24 -12.44 8.81
N GLY A 54 -20.55 -11.21 9.20
CA GLY A 54 -20.94 -10.93 10.57
C GLY A 54 -22.29 -10.29 10.69
N GLY A 55 -22.94 -10.04 9.55
CA GLY A 55 -24.25 -9.43 9.55
C GLY A 55 -24.27 -7.92 9.45
N ARG A 56 -23.12 -7.28 9.38
CA ARG A 56 -23.08 -5.83 9.35
C ARG A 56 -23.29 -5.24 7.96
N TYR A 57 -23.18 -6.06 6.92
CA TYR A 57 -23.35 -5.61 5.54
C TYR A 57 -24.42 -6.48 4.91
N ILE A 58 -25.63 -5.95 4.82
CA ILE A 58 -26.80 -6.68 4.34
C ILE A 58 -27.31 -6.01 3.09
N TYR A 59 -27.47 -6.79 2.02
CA TYR A 59 -27.91 -6.27 0.74
C TYR A 59 -29.20 -6.97 0.32
N TYR A 60 -30.03 -6.26 -0.43
CA TYR A 60 -31.26 -6.80 -0.97
C TYR A 60 -31.38 -6.39 -2.42
N SER A 61 -32.15 -7.17 -3.18
CA SER A 61 -32.47 -6.79 -4.54
C SER A 61 -33.57 -5.73 -4.55
N ASP A 62 -33.78 -5.13 -5.72
CA ASP A 62 -34.76 -4.06 -5.84
C ASP A 62 -36.20 -4.54 -5.70
N THR A 63 -36.44 -5.85 -5.88
CA THR A 63 -37.79 -6.38 -5.74
C THR A 63 -38.20 -6.51 -4.28
N VAL A 64 -37.28 -6.89 -3.39
CA VAL A 64 -37.64 -7.24 -2.03
C VAL A 64 -36.90 -6.38 -1.01
N THR A 65 -36.59 -5.13 -1.37
CA THR A 65 -35.74 -4.30 -0.54
C THR A 65 -36.42 -3.90 0.77
N GLY A 66 -37.69 -3.50 0.70
CA GLY A 66 -38.38 -3.00 1.87
C GLY A 66 -39.27 -3.98 2.60
N ARG A 67 -39.32 -5.24 2.17
CA ARG A 67 -40.24 -6.18 2.78
C ARG A 67 -39.64 -7.55 3.06
N PHE A 68 -38.36 -7.75 2.78
CA PHE A 68 -37.65 -8.98 3.11
C PHE A 68 -36.49 -8.60 4.03
N THR A 69 -36.30 -9.36 5.11
CA THR A 69 -35.15 -9.16 5.99
C THR A 69 -34.46 -10.49 6.23
N ILE A 70 -33.15 -10.49 6.03
CA ILE A 70 -32.32 -11.69 6.18
C ILE A 70 -31.50 -11.54 7.44
N SER A 71 -31.45 -12.59 8.25
CA SER A 71 -30.72 -12.58 9.50
C SER A 71 -29.91 -13.87 9.62
N ARG A 72 -28.84 -13.78 10.39
CA ARG A 72 -27.99 -14.93 10.66
C ARG A 72 -27.80 -15.10 12.16
N ASP A 73 -27.86 -16.35 12.62
CA ASP A 73 -27.40 -16.72 13.96
C ASP A 73 -26.06 -17.43 13.78
N ASN A 74 -24.96 -16.73 14.08
CA ASN A 74 -23.62 -17.32 14.02
C ASN A 74 -23.44 -18.47 15.00
N ALA A 75 -24.12 -18.42 16.15
CA ALA A 75 -23.89 -19.41 17.19
C ALA A 75 -24.45 -20.77 16.79
N ARG A 76 -25.62 -20.79 16.15
CA ARG A 76 -26.27 -22.03 15.77
C ARG A 76 -26.03 -22.41 14.32
N ASN A 77 -25.21 -21.64 13.59
CA ASN A 77 -24.84 -21.88 12.19
C ASN A 77 -26.06 -21.95 11.28
N ILE A 78 -27.04 -21.10 11.53
CA ILE A 78 -28.29 -21.11 10.77
C ILE A 78 -28.51 -19.74 10.14
N LEU A 79 -28.98 -19.74 8.89
CA LEU A 79 -29.29 -18.53 8.14
C LEU A 79 -30.79 -18.44 7.96
N HIS A 80 -31.36 -17.28 8.28
CA HIS A 80 -32.80 -17.07 8.24
C HIS A 80 -33.18 -16.09 7.15
N LEU A 81 -34.47 -16.03 6.86
CA LEU A 81 -35.01 -15.04 5.92
C LEU A 81 -36.44 -14.74 6.36
N GLU A 82 -36.62 -13.65 7.10
CA GLU A 82 -37.95 -13.21 7.48
C GLU A 82 -38.62 -12.49 6.32
N MET A 83 -39.83 -12.90 5.99
CA MET A 83 -40.59 -12.31 4.90
C MET A 83 -41.74 -11.49 5.45
N SER A 84 -42.24 -10.58 4.62
CA SER A 84 -43.39 -9.76 4.98
C SER A 84 -44.07 -9.28 3.71
N SER A 85 -45.40 -9.28 3.72
CA SER A 85 -46.25 -8.85 2.60
C SER A 85 -45.92 -9.61 1.31
N LEU A 86 -46.09 -10.93 1.38
CA LEU A 86 -45.74 -11.81 0.27
C LEU A 86 -46.77 -11.67 -0.84
N ARG A 87 -46.39 -11.00 -1.92
CA ARG A 87 -47.30 -10.76 -3.03
C ARG A 87 -47.34 -11.97 -3.95
N SER A 88 -48.16 -11.88 -5.01
CA SER A 88 -48.43 -13.04 -5.85
C SER A 88 -47.23 -13.39 -6.73
N GLU A 89 -46.41 -12.42 -7.11
CA GLU A 89 -45.22 -12.68 -7.91
C GLU A 89 -44.00 -12.92 -7.02
N ASP A 90 -44.17 -13.77 -6.01
CA ASP A 90 -43.08 -14.14 -5.12
C ASP A 90 -43.03 -15.63 -4.86
N THR A 91 -43.89 -16.43 -5.48
CA THR A 91 -43.82 -17.88 -5.35
C THR A 91 -42.56 -18.36 -6.05
N ALA A 92 -41.72 -19.09 -5.33
CA ALA A 92 -40.41 -19.44 -5.86
C ALA A 92 -39.89 -20.68 -5.13
N MET A 93 -38.67 -21.06 -5.47
CA MET A 93 -37.97 -22.21 -4.89
C MET A 93 -36.71 -21.62 -4.29
N TYR A 94 -36.70 -21.43 -2.98
CA TYR A 94 -35.67 -20.62 -2.33
C TYR A 94 -34.44 -21.45 -2.01
N TYR A 95 -33.28 -21.00 -2.50
CA TYR A 95 -32.02 -21.66 -2.26
C TYR A 95 -31.14 -20.80 -1.36
N CYS A 96 -30.40 -21.45 -0.48
CA CYS A 96 -29.34 -20.84 0.30
C CYS A 96 -28.02 -21.10 -0.39
N ALA A 97 -27.22 -20.05 -0.54
CA ALA A 97 -26.01 -20.15 -1.33
C ALA A 97 -24.84 -19.54 -0.56
N ARG A 98 -23.73 -20.28 -0.50
CA ARG A 98 -22.52 -19.82 0.17
C ARG A 98 -21.74 -18.93 -0.80
N GLY A 99 -22.06 -17.65 -0.79
CA GLY A 99 -21.27 -16.72 -1.56
C GLY A 99 -20.45 -15.81 -0.68
N GLU A 100 -19.16 -16.10 -0.54
CA GLU A 100 -18.27 -15.32 0.31
C GLU A 100 -17.19 -14.60 -0.49
N VAL A 101 -16.42 -15.31 -1.29
CA VAL A 101 -15.47 -14.67 -2.18
C VAL A 101 -16.25 -14.19 -3.40
N ARG A 102 -16.12 -12.90 -3.71
CA ARG A 102 -16.92 -12.34 -4.78
C ARG A 102 -16.46 -12.80 -6.15
N GLN A 103 -15.26 -13.34 -6.26
CA GLN A 103 -14.69 -13.80 -7.51
C GLN A 103 -14.81 -15.31 -7.68
N ARG A 104 -15.40 -16.00 -6.72
CA ARG A 104 -15.70 -17.42 -6.85
C ARG A 104 -17.18 -17.74 -6.76
N GLY A 105 -18.04 -16.74 -6.59
CA GLY A 105 -19.47 -16.91 -6.67
C GLY A 105 -20.06 -17.71 -5.53
N PHE A 106 -21.26 -18.24 -5.78
CA PHE A 106 -21.95 -19.13 -4.86
C PHE A 106 -21.41 -20.53 -5.06
N ASP A 107 -20.36 -20.88 -4.31
CA ASP A 107 -19.70 -22.15 -4.57
C ASP A 107 -20.47 -23.35 -4.03
N TYR A 108 -21.13 -23.21 -2.88
CA TYR A 108 -21.98 -24.27 -2.34
C TYR A 108 -23.40 -23.76 -2.19
N TRP A 109 -24.34 -24.48 -2.80
CA TRP A 109 -25.76 -24.23 -2.70
C TRP A 109 -26.39 -25.28 -1.80
N GLY A 110 -27.68 -25.14 -1.55
CA GLY A 110 -28.39 -26.12 -0.76
C GLY A 110 -29.57 -26.69 -1.50
N GLN A 111 -30.54 -27.24 -0.77
CA GLN A 111 -31.78 -27.72 -1.36
C GLN A 111 -32.71 -26.54 -1.61
N GLY A 112 -33.99 -26.80 -1.85
CA GLY A 112 -34.95 -25.74 -2.05
C GLY A 112 -36.12 -25.84 -1.09
N THR A 113 -36.74 -24.71 -0.82
CA THR A 113 -37.99 -24.65 -0.08
C THR A 113 -39.02 -23.94 -0.94
N THR A 114 -40.10 -24.62 -1.26
CA THR A 114 -41.12 -24.08 -2.15
C THR A 114 -41.98 -23.11 -1.36
N LEU A 115 -41.74 -21.81 -1.53
CA LEU A 115 -42.65 -20.80 -1.01
C LEU A 115 -43.81 -20.66 -1.98
N THR A 116 -45.03 -20.93 -1.50
CA THR A 116 -46.22 -20.87 -2.32
C THR A 116 -47.13 -19.79 -1.78
N VAL A 117 -47.47 -18.82 -2.62
CA VAL A 117 -48.36 -17.73 -2.25
C VAL A 117 -49.63 -17.87 -3.07
N SER A 118 -50.74 -18.16 -2.39
CA SER A 118 -52.01 -18.39 -3.06
C SER A 118 -53.18 -18.15 -2.12
N GLU B 1 -31.37 -2.42 -12.73
CA GLU B 1 -30.55 -3.58 -12.44
C GLU B 1 -29.63 -3.93 -13.60
N ASN B 2 -28.56 -4.66 -13.31
CA ASN B 2 -27.65 -5.15 -14.34
C ASN B 2 -28.28 -6.40 -14.95
N VAL B 3 -29.15 -6.18 -15.93
CA VAL B 3 -29.86 -7.29 -16.56
C VAL B 3 -28.93 -8.01 -17.51
N LEU B 4 -28.66 -9.29 -17.23
CA LEU B 4 -27.80 -10.11 -18.07
C LEU B 4 -28.64 -10.88 -19.06
N THR B 5 -28.77 -10.34 -20.26
CA THR B 5 -29.44 -11.05 -21.35
C THR B 5 -28.53 -12.15 -21.86
N GLN B 6 -28.98 -13.39 -21.72
CA GLN B 6 -28.21 -14.58 -22.06
C GLN B 6 -28.78 -15.16 -23.36
N SER B 7 -28.08 -16.15 -23.91
CA SER B 7 -28.52 -16.84 -25.11
C SER B 7 -29.87 -17.51 -24.88
N PRO B 8 -30.70 -17.66 -25.93
CA PRO B 8 -32.04 -18.24 -25.77
C PRO B 8 -32.01 -19.63 -25.16
N ALA B 9 -33.00 -19.90 -24.31
CA ALA B 9 -32.95 -21.05 -23.40
C ALA B 9 -33.00 -22.37 -24.16
N ILE B 10 -33.84 -22.47 -25.17
CA ILE B 10 -34.04 -23.73 -25.88
C ILE B 10 -32.95 -23.82 -26.94
N MET B 11 -31.85 -24.50 -26.61
CA MET B 11 -30.86 -24.91 -27.59
C MET B 11 -30.79 -26.43 -27.61
N SER B 12 -30.79 -27.01 -28.80
CA SER B 12 -30.80 -28.46 -28.99
C SER B 12 -29.59 -28.82 -29.82
N THR B 13 -28.64 -29.52 -29.22
CA THR B 13 -27.39 -29.87 -29.89
C THR B 13 -27.09 -31.34 -29.70
N SER B 14 -26.60 -31.97 -30.77
CA SER B 14 -26.21 -33.37 -30.72
C SER B 14 -24.97 -33.54 -29.84
N PRO B 15 -24.83 -34.70 -29.19
CA PRO B 15 -23.64 -34.93 -28.36
C PRO B 15 -22.36 -34.98 -29.18
N GLY B 16 -21.26 -34.56 -28.54
CA GLY B 16 -19.96 -34.52 -29.18
C GLY B 16 -19.66 -33.27 -29.97
N GLU B 17 -20.59 -32.32 -30.01
CA GLU B 17 -20.46 -31.13 -30.83
C GLU B 17 -20.02 -29.94 -29.97
N LYS B 18 -19.04 -29.19 -30.47
CA LYS B 18 -18.58 -27.97 -29.81
C LYS B 18 -19.69 -26.93 -29.82
N VAL B 19 -20.09 -26.47 -28.63
CA VAL B 19 -21.18 -25.52 -28.48
C VAL B 19 -20.68 -24.30 -27.72
N THR B 20 -21.46 -23.22 -27.82
CA THR B 20 -21.15 -22.00 -27.10
C THR B 20 -22.44 -21.30 -26.73
N MET B 21 -22.36 -20.45 -25.71
CA MET B 21 -23.51 -19.68 -25.26
C MET B 21 -23.04 -18.34 -24.74
N THR B 22 -23.75 -17.28 -25.10
CA THR B 22 -23.32 -15.93 -24.77
C THR B 22 -24.01 -15.42 -23.52
N CYS B 23 -23.45 -14.35 -22.95
CA CYS B 23 -24.05 -13.69 -21.79
C CYS B 23 -23.74 -12.20 -21.91
N ARG B 24 -24.68 -11.46 -22.49
CA ARG B 24 -24.53 -10.01 -22.61
C ARG B 24 -25.08 -9.33 -21.37
N ALA B 25 -24.35 -8.34 -20.88
CA ALA B 25 -24.75 -7.60 -19.69
C ALA B 25 -25.14 -6.18 -20.07
N SER B 26 -26.15 -5.64 -19.40
CA SER B 26 -26.59 -4.27 -19.66
C SER B 26 -25.53 -3.27 -19.19
N SER B 27 -24.99 -3.47 -18.00
CA SER B 27 -23.86 -2.70 -17.52
C SER B 27 -22.58 -3.46 -17.89
N SER B 28 -21.45 -3.03 -17.34
CA SER B 28 -20.16 -3.66 -17.61
C SER B 28 -19.69 -4.41 -16.37
N VAL B 29 -19.48 -5.70 -16.52
CA VAL B 29 -18.98 -6.55 -15.44
C VAL B 29 -17.47 -6.59 -15.52
N GLY B 30 -16.81 -6.66 -14.37
CA GLY B 30 -15.37 -6.56 -14.27
C GLY B 30 -14.58 -7.79 -14.65
N SER B 31 -15.24 -8.84 -15.17
CA SER B 31 -14.64 -10.03 -15.78
C SER B 31 -13.89 -10.93 -14.83
N SER B 32 -13.77 -10.54 -13.56
CA SER B 32 -13.36 -11.44 -12.50
C SER B 32 -14.54 -11.76 -11.60
N TYR B 33 -15.72 -11.22 -11.92
CA TYR B 33 -16.89 -11.33 -11.08
C TYR B 33 -18.06 -12.04 -11.75
N LEU B 34 -17.92 -12.47 -13.00
CA LEU B 34 -19.01 -13.15 -13.68
C LEU B 34 -18.79 -14.65 -13.62
N HIS B 35 -19.80 -15.37 -13.15
CA HIS B 35 -19.73 -16.80 -12.92
C HIS B 35 -20.83 -17.52 -13.68
N TRP B 36 -20.62 -18.82 -13.88
CA TRP B 36 -21.57 -19.68 -14.57
C TRP B 36 -21.97 -20.81 -13.64
N TYR B 37 -23.26 -21.12 -13.60
CA TYR B 37 -23.81 -22.16 -12.76
C TYR B 37 -24.54 -23.17 -13.62
N GLN B 38 -24.40 -24.45 -13.28
CA GLN B 38 -25.11 -25.52 -13.97
C GLN B 38 -26.18 -26.08 -13.05
N GLN B 39 -27.44 -25.89 -13.43
CA GLN B 39 -28.56 -26.44 -12.69
C GLN B 39 -29.20 -27.54 -13.52
N LYS B 40 -29.22 -28.76 -12.99
CA LYS B 40 -29.78 -29.88 -13.71
C LYS B 40 -31.29 -29.93 -13.54
N SER B 41 -31.90 -30.98 -14.08
CA SER B 41 -33.36 -31.12 -14.07
C SER B 41 -33.80 -31.53 -12.67
N GLY B 42 -34.50 -30.64 -11.98
CA GLY B 42 -35.01 -30.94 -10.66
C GLY B 42 -33.97 -30.92 -9.55
N ALA B 43 -32.77 -30.44 -9.83
CA ALA B 43 -31.70 -30.39 -8.85
C ALA B 43 -31.30 -28.94 -8.59
N SER B 44 -30.45 -28.75 -7.60
CA SER B 44 -29.98 -27.44 -7.24
C SER B 44 -28.93 -26.95 -8.23
N PRO B 45 -28.75 -25.64 -8.37
CA PRO B 45 -27.59 -25.13 -9.11
C PRO B 45 -26.31 -25.42 -8.35
N LYS B 46 -25.21 -25.48 -9.09
CA LYS B 46 -23.89 -25.61 -8.50
C LYS B 46 -22.94 -24.72 -9.27
N LEU B 47 -21.90 -24.27 -8.59
CA LEU B 47 -20.89 -23.44 -9.23
C LEU B 47 -20.16 -24.25 -10.29
N TRP B 48 -20.03 -23.68 -11.48
CA TRP B 48 -19.49 -24.42 -12.61
C TRP B 48 -18.24 -23.74 -13.16
N ILE B 49 -18.34 -22.46 -13.48
CA ILE B 49 -17.21 -21.63 -13.90
C ILE B 49 -17.25 -20.35 -13.09
N TYR B 50 -16.14 -20.01 -12.45
CA TYR B 50 -16.03 -18.77 -11.69
C TYR B 50 -14.94 -17.88 -12.25
N SER B 51 -15.13 -16.56 -12.09
CA SER B 51 -14.25 -15.51 -12.61
C SER B 51 -14.05 -15.65 -14.13
N THR B 52 -15.10 -16.12 -14.80
CA THR B 52 -15.40 -16.21 -16.23
C THR B 52 -14.50 -17.18 -16.99
N SER B 53 -13.44 -17.68 -16.37
CA SER B 53 -12.55 -18.63 -17.02
C SER B 53 -12.25 -19.86 -16.20
N ASN B 54 -12.10 -19.71 -14.88
CA ASN B 54 -11.65 -20.81 -14.03
C ASN B 54 -12.75 -21.85 -13.88
N LEU B 55 -12.34 -23.08 -13.61
CA LEU B 55 -13.25 -24.22 -13.52
C LEU B 55 -13.46 -24.58 -12.06
N ALA B 56 -14.71 -24.79 -11.68
CA ALA B 56 -15.01 -25.21 -10.32
C ALA B 56 -14.63 -26.67 -10.12
N SER B 57 -14.62 -27.09 -8.86
CA SER B 57 -14.27 -28.47 -8.53
C SER B 57 -15.35 -29.43 -9.00
N GLY B 58 -14.90 -30.56 -9.56
CA GLY B 58 -15.80 -31.53 -10.14
C GLY B 58 -16.29 -31.20 -11.54
N VAL B 59 -15.76 -30.16 -12.16
CA VAL B 59 -16.13 -29.75 -13.50
C VAL B 59 -15.06 -30.23 -14.47
N PRO B 60 -15.42 -30.93 -15.54
CA PRO B 60 -14.41 -31.44 -16.47
C PRO B 60 -13.75 -30.32 -17.26
N ALA B 61 -12.57 -30.63 -17.80
CA ALA B 61 -11.78 -29.65 -18.55
C ALA B 61 -12.38 -29.32 -19.91
N ARG B 62 -13.40 -30.06 -20.35
CA ARG B 62 -14.07 -29.75 -21.61
C ARG B 62 -14.88 -28.46 -21.56
N PHE B 63 -15.22 -27.97 -20.38
CA PHE B 63 -15.83 -26.66 -20.25
C PHE B 63 -14.76 -25.59 -20.24
N SER B 64 -15.08 -24.47 -20.88
CA SER B 64 -14.17 -23.33 -20.89
C SER B 64 -15.01 -22.06 -20.96
N GLY B 65 -14.43 -20.97 -20.46
CA GLY B 65 -15.11 -19.70 -20.46
C GLY B 65 -14.21 -18.61 -21.01
N SER B 66 -14.85 -17.59 -21.57
CA SER B 66 -14.13 -16.49 -22.19
C SER B 66 -15.01 -15.26 -22.18
N GLY B 67 -14.43 -14.14 -22.56
CA GLY B 67 -15.14 -12.88 -22.65
C GLY B 67 -14.77 -11.94 -21.50
N SER B 68 -15.08 -10.67 -21.69
CA SER B 68 -14.81 -9.65 -20.69
C SER B 68 -15.70 -8.46 -20.92
N GLY B 69 -15.97 -7.72 -19.86
CA GLY B 69 -16.67 -6.46 -19.95
C GLY B 69 -18.17 -6.58 -20.09
N THR B 70 -18.63 -6.93 -21.28
CA THR B 70 -20.05 -7.08 -21.55
C THR B 70 -20.40 -8.47 -22.06
N SER B 71 -19.69 -8.97 -23.06
CA SER B 71 -19.99 -10.26 -23.67
C SER B 71 -19.15 -11.34 -23.01
N TYR B 72 -19.81 -12.37 -22.50
CA TYR B 72 -19.16 -13.47 -21.81
C TYR B 72 -19.68 -14.78 -22.38
N SER B 73 -18.81 -15.76 -22.53
CA SER B 73 -19.16 -16.99 -23.24
C SER B 73 -18.76 -18.21 -22.45
N LEU B 74 -19.63 -19.22 -22.43
CA LEU B 74 -19.32 -20.55 -21.94
C LEU B 74 -19.21 -21.49 -23.13
N THR B 75 -18.15 -22.28 -23.16
CA THR B 75 -17.87 -23.15 -24.29
C THR B 75 -17.64 -24.57 -23.81
N ILE B 76 -18.36 -25.52 -24.41
CA ILE B 76 -18.11 -26.94 -24.19
C ILE B 76 -17.39 -27.50 -25.41
N SER B 77 -16.28 -28.20 -25.18
CA SER B 77 -15.53 -28.77 -26.29
C SER B 77 -16.30 -29.91 -26.95
N SER B 78 -16.91 -30.78 -26.14
CA SER B 78 -17.72 -31.87 -26.66
C SER B 78 -18.82 -32.15 -25.65
N VAL B 79 -20.04 -32.32 -26.12
CA VAL B 79 -21.18 -32.52 -25.26
C VAL B 79 -21.40 -34.01 -25.04
N GLU B 80 -21.53 -34.41 -23.78
CA GLU B 80 -21.97 -35.76 -23.43
C GLU B 80 -23.33 -35.69 -22.76
N ALA B 81 -23.87 -36.87 -22.43
CA ALA B 81 -25.23 -36.96 -21.90
C ALA B 81 -25.37 -36.41 -20.50
N GLU B 82 -24.27 -36.22 -19.78
CA GLU B 82 -24.27 -35.62 -18.46
C GLU B 82 -24.19 -34.10 -18.50
N ASP B 83 -24.19 -33.51 -19.70
CA ASP B 83 -24.12 -32.07 -19.89
C ASP B 83 -25.48 -31.46 -20.21
N ALA B 84 -26.55 -32.21 -20.05
CA ALA B 84 -27.90 -31.74 -20.38
C ALA B 84 -28.49 -31.04 -19.17
N ALA B 85 -28.32 -29.72 -19.11
CA ALA B 85 -28.78 -28.94 -17.97
C ALA B 85 -28.95 -27.49 -18.42
N THR B 86 -29.36 -26.64 -17.48
CA THR B 86 -29.57 -25.22 -17.73
C THR B 86 -28.42 -24.44 -17.11
N TYR B 87 -27.86 -23.50 -17.88
CA TYR B 87 -26.69 -22.75 -17.46
C TYR B 87 -27.06 -21.29 -17.27
N TYR B 88 -26.75 -20.75 -16.10
CA TYR B 88 -27.02 -19.36 -15.76
C TYR B 88 -25.71 -18.62 -15.59
N CYS B 89 -25.53 -17.53 -16.34
CA CYS B 89 -24.42 -16.63 -16.11
C CYS B 89 -24.81 -15.64 -15.04
N GLN B 90 -23.83 -15.17 -14.28
CA GLN B 90 -24.15 -14.39 -13.09
C GLN B 90 -22.99 -13.46 -12.75
N GLN B 91 -23.19 -12.17 -12.95
CA GLN B 91 -22.30 -11.17 -12.38
C GLN B 91 -22.47 -11.16 -10.86
N PHE B 92 -21.38 -10.88 -10.16
CA PHE B 92 -21.53 -10.88 -8.71
C PHE B 92 -20.79 -9.66 -8.14
N SER B 93 -20.59 -8.63 -8.95
CA SER B 93 -19.90 -7.41 -8.55
C SER B 93 -20.85 -6.33 -8.06
N GLY B 94 -21.80 -5.92 -8.90
CA GLY B 94 -22.72 -4.87 -8.52
C GLY B 94 -23.76 -5.38 -7.55
N TYR B 95 -23.98 -4.62 -6.47
CA TYR B 95 -24.75 -5.05 -5.30
C TYR B 95 -26.21 -5.46 -5.53
N PRO B 96 -26.92 -5.04 -6.61
CA PRO B 96 -28.09 -5.85 -7.01
C PRO B 96 -27.67 -7.02 -7.88
N LEU B 97 -27.28 -8.12 -7.24
CA LEU B 97 -26.73 -9.27 -7.95
C LEU B 97 -27.80 -9.93 -8.81
N THR B 98 -27.52 -10.08 -10.10
CA THR B 98 -28.48 -10.61 -11.05
C THR B 98 -27.92 -11.85 -11.72
N PHE B 99 -28.78 -12.83 -11.93
CA PHE B 99 -28.44 -13.99 -12.72
C PHE B 99 -28.88 -13.77 -14.16
N GLY B 100 -28.37 -14.60 -15.05
CA GLY B 100 -28.81 -14.57 -16.43
C GLY B 100 -30.13 -15.30 -16.60
N SER B 101 -30.55 -15.37 -17.86
CA SER B 101 -31.75 -16.12 -18.20
C SER B 101 -31.41 -17.59 -18.32
N GLY B 102 -32.32 -18.40 -18.84
CA GLY B 102 -32.04 -19.80 -19.05
C GLY B 102 -31.19 -20.02 -20.29
N THR B 103 -30.41 -21.10 -20.26
CA THR B 103 -29.81 -21.69 -21.46
C THR B 103 -29.84 -23.20 -21.25
N LYS B 104 -30.93 -23.83 -21.68
CA LYS B 104 -31.18 -25.23 -21.41
C LYS B 104 -30.68 -26.07 -22.58
N LEU B 105 -29.75 -26.98 -22.30
CA LEU B 105 -29.14 -27.81 -23.32
C LEU B 105 -29.89 -29.13 -23.36
N GLU B 106 -30.70 -29.32 -24.39
CA GLU B 106 -31.44 -30.56 -24.59
C GLU B 106 -30.85 -31.33 -25.77
N MET B 107 -31.06 -32.64 -25.77
CA MET B 107 -30.41 -33.53 -26.71
C MET B 107 -31.22 -33.67 -28.00
N LYS B 108 -30.73 -34.51 -28.90
CA LYS B 108 -31.41 -34.79 -30.15
C LYS B 108 -31.57 -36.29 -30.36
N GLY C 57 3.57 1.40 -10.83
CA GLY C 57 4.93 1.32 -10.33
C GLY C 57 5.33 2.54 -9.52
N PHE C 58 5.65 2.33 -8.25
CA PHE C 58 6.01 3.42 -7.35
C PHE C 58 7.52 3.47 -7.13
N VAL C 59 8.04 4.69 -7.08
CA VAL C 59 9.46 4.96 -6.87
C VAL C 59 9.58 6.39 -6.36
N GLY C 60 10.48 6.60 -5.42
CA GLY C 60 10.73 7.93 -4.88
C GLY C 60 12.16 8.07 -4.44
N LEU C 61 12.46 9.03 -3.56
CA LEU C 61 13.79 9.12 -2.97
C LEU C 61 13.85 8.35 -1.65
N GLY C 62 13.36 7.13 -1.75
CA GLY C 62 13.36 6.09 -0.74
C GLY C 62 14.31 5.06 -1.30
N ASN C 63 13.75 4.22 -2.16
CA ASN C 63 14.50 3.32 -3.05
C ASN C 63 15.80 3.89 -3.58
N VAL C 64 15.77 5.12 -4.08
CA VAL C 64 16.92 5.66 -4.79
C VAL C 64 17.94 6.25 -3.82
N TRP C 65 17.49 6.97 -2.80
CA TRP C 65 18.42 7.65 -1.90
C TRP C 65 18.59 6.95 -0.56
N ARG C 66 17.48 6.53 0.08
CA ARG C 66 17.55 6.14 1.49
C ARG C 66 18.03 4.71 1.69
N PHE C 67 17.48 3.78 0.90
CA PHE C 67 17.85 2.37 1.04
C PHE C 67 19.33 2.11 0.76
N PRO C 68 19.99 2.71 -0.27
CA PRO C 68 21.45 2.52 -0.36
C PRO C 68 22.25 2.95 0.86
N TYR C 69 21.94 4.08 1.49
CA TYR C 69 22.85 4.46 2.57
C TYR C 69 22.49 3.73 3.85
N LEU C 70 21.23 3.35 4.03
CA LEU C 70 20.90 2.54 5.19
C LEU C 70 21.46 1.14 5.06
N CYS C 71 21.55 0.64 3.83
CA CYS C 71 22.20 -0.64 3.60
C CYS C 71 23.72 -0.53 3.79
N TYR C 72 24.31 0.55 3.31
CA TYR C 72 25.76 0.74 3.39
C TYR C 72 26.22 1.01 4.82
N LYS C 73 25.41 1.74 5.58
CA LYS C 73 25.72 2.04 6.96
C LYS C 73 25.65 0.79 7.82
N ASN C 74 24.85 -0.19 7.43
CA ASN C 74 24.63 -1.41 8.19
C ASN C 74 25.25 -2.63 7.53
N GLY C 75 26.42 -2.46 6.91
CA GLY C 75 27.23 -3.57 6.46
C GLY C 75 26.83 -4.22 5.15
N GLY C 76 25.78 -3.73 4.49
CA GLY C 76 25.41 -4.25 3.19
C GLY C 76 24.60 -5.53 3.21
N GLY C 77 25.26 -6.67 3.45
CA GLY C 77 24.56 -7.94 3.38
C GLY C 77 23.63 -8.16 4.54
N ALA C 78 24.03 -7.75 5.74
CA ALA C 78 23.23 -7.95 6.94
C ALA C 78 21.99 -7.09 6.98
N PHE C 79 21.85 -6.13 6.08
CA PHE C 79 20.67 -5.27 6.03
C PHE C 79 19.49 -5.97 5.36
N LEU C 80 19.75 -6.86 4.40
CA LEU C 80 18.69 -7.38 3.54
C LEU C 80 17.83 -8.42 4.24
N ILE C 81 18.38 -9.16 5.20
CA ILE C 81 17.58 -10.14 5.94
C ILE C 81 16.48 -9.48 6.77
N PRO C 82 16.74 -8.45 7.62
CA PRO C 82 15.60 -7.76 8.23
C PRO C 82 14.75 -6.98 7.25
N TYR C 83 15.34 -6.55 6.13
CA TYR C 83 14.58 -5.84 5.10
C TYR C 83 13.49 -6.73 4.53
N PHE C 84 13.83 -7.94 4.13
CA PHE C 84 12.84 -8.84 3.57
C PHE C 84 11.95 -9.47 4.64
N ILE C 85 12.45 -9.63 5.87
CA ILE C 85 11.61 -10.11 6.96
C ILE C 85 10.49 -9.11 7.25
N PHE C 86 10.83 -7.83 7.33
CA PHE C 86 9.82 -6.78 7.49
C PHE C 86 8.97 -6.62 6.25
N LEU C 87 9.54 -6.84 5.06
CA LEU C 87 8.77 -6.68 3.84
C LEU C 87 7.67 -7.73 3.72
N PHE C 88 7.95 -8.96 4.13
CA PHE C 88 6.99 -10.04 3.99
C PHE C 88 6.28 -10.41 5.29
N GLY C 89 6.60 -9.76 6.40
CA GLY C 89 5.86 -10.01 7.60
C GLY C 89 5.14 -8.78 8.10
N SER C 90 5.69 -7.59 7.81
CA SER C 90 5.13 -6.34 8.27
C SER C 90 4.71 -5.44 7.13
N GLY C 91 5.59 -5.16 6.18
CA GLY C 91 5.44 -3.98 5.34
C GLY C 91 4.30 -4.06 4.34
N LEU C 92 4.22 -5.16 3.60
CA LEU C 92 3.06 -5.36 2.72
C LEU C 92 1.74 -5.50 3.49
N PRO C 93 1.63 -6.25 4.60
CA PRO C 93 0.37 -6.20 5.37
C PRO C 93 0.02 -4.84 5.96
N VAL C 94 0.99 -4.07 6.45
CA VAL C 94 0.68 -2.76 7.03
C VAL C 94 0.30 -1.78 5.93
N PHE C 95 0.95 -1.88 4.77
CA PHE C 95 0.58 -1.06 3.62
C PHE C 95 -0.86 -1.36 3.16
N PHE C 96 -1.21 -2.65 3.07
CA PHE C 96 -2.56 -3.02 2.72
C PHE C 96 -3.56 -2.59 3.80
N LEU C 97 -3.14 -2.65 5.06
CA LEU C 97 -3.96 -2.21 6.18
C LEU C 97 -4.31 -0.74 6.08
N GLU C 98 -3.31 0.12 5.88
CA GLU C 98 -3.58 1.55 5.76
C GLU C 98 -4.35 1.89 4.48
N VAL C 99 -4.15 1.14 3.40
CA VAL C 99 -4.94 1.38 2.20
C VAL C 99 -6.40 1.02 2.44
N ILE C 100 -6.66 -0.04 3.22
CA ILE C 100 -8.04 -0.40 3.52
C ILE C 100 -8.67 0.64 4.45
N ILE C 101 -7.91 1.20 5.40
CA ILE C 101 -8.43 2.30 6.21
C ILE C 101 -8.73 3.53 5.36
N GLY C 102 -7.87 3.82 4.38
CA GLY C 102 -8.14 4.94 3.48
C GLY C 102 -9.38 4.74 2.64
N GLN C 103 -9.59 3.52 2.13
CA GLN C 103 -10.78 3.26 1.34
C GLN C 103 -12.03 3.05 2.18
N TYR C 104 -11.88 2.77 3.47
CA TYR C 104 -13.03 2.42 4.30
C TYR C 104 -13.85 3.65 4.64
N THR C 105 -13.22 4.60 5.34
CA THR C 105 -13.85 5.87 5.64
C THR C 105 -13.70 6.80 4.45
N SER C 106 -14.80 7.41 4.01
CA SER C 106 -14.75 8.32 2.87
C SER C 106 -14.33 9.72 3.30
N GLU C 107 -13.21 9.80 4.03
CA GLU C 107 -12.64 11.05 4.53
C GLU C 107 -11.14 10.91 4.40
N GLY C 108 -10.39 11.79 5.07
CA GLY C 108 -8.94 11.73 4.96
C GLY C 108 -8.16 11.98 6.23
N GLY C 109 -7.30 11.02 6.60
CA GLY C 109 -6.31 11.24 7.63
C GLY C 109 -6.72 10.96 9.05
N ILE C 110 -7.00 12.02 9.81
CA ILE C 110 -7.27 11.89 11.24
C ILE C 110 -8.61 11.22 11.48
N THR C 111 -9.63 11.64 10.74
CA THR C 111 -11.00 11.13 10.90
C THR C 111 -11.23 9.82 10.17
N CYS C 112 -10.17 9.13 9.77
CA CYS C 112 -10.26 7.75 9.29
C CYS C 112 -10.38 6.74 10.41
N TRP C 113 -10.26 7.18 11.67
CA TRP C 113 -10.30 6.29 12.82
C TRP C 113 -11.56 6.48 13.65
N GLU C 114 -12.52 7.27 13.18
CA GLU C 114 -13.81 7.32 13.85
C GLU C 114 -14.68 6.11 13.53
N LYS C 115 -14.38 5.39 12.46
CA LYS C 115 -15.03 4.13 12.16
C LYS C 115 -14.17 2.93 12.52
N ILE C 116 -12.94 3.16 12.97
CA ILE C 116 -12.04 2.10 13.45
C ILE C 116 -11.55 2.57 14.81
N CYS C 117 -12.28 2.19 15.88
CA CYS C 117 -11.89 2.38 17.28
C CYS C 117 -11.53 3.83 17.61
N PRO C 118 -12.51 4.73 17.79
CA PRO C 118 -12.20 6.16 17.98
C PRO C 118 -11.40 6.53 19.22
N LEU C 119 -11.12 5.57 20.11
CA LEU C 119 -10.17 5.82 21.19
C LEU C 119 -8.79 6.11 20.64
N PHE C 120 -8.37 5.35 19.63
CA PHE C 120 -7.06 5.52 19.01
C PHE C 120 -7.20 6.34 17.73
N SER C 121 -7.67 7.57 17.91
CA SER C 121 -7.70 8.55 16.84
C SER C 121 -6.45 9.40 16.80
N GLY C 122 -5.50 9.15 17.70
CA GLY C 122 -4.22 9.83 17.67
C GLY C 122 -3.24 9.26 16.67
N ILE C 123 -3.60 8.16 16.01
CA ILE C 123 -2.79 7.66 14.90
C ILE C 123 -2.85 8.64 13.73
N GLY C 124 -3.99 9.31 13.56
CA GLY C 124 -4.07 10.36 12.55
C GLY C 124 -3.16 11.54 12.85
N TYR C 125 -3.13 11.98 14.10
CA TYR C 125 -2.25 13.09 14.48
C TYR C 125 -0.78 12.68 14.42
N ALA C 126 -0.50 11.42 14.75
CA ALA C 126 0.85 10.89 14.59
C ALA C 126 1.28 10.91 13.13
N SER C 127 0.36 10.55 12.23
CA SER C 127 0.65 10.64 10.80
C SER C 127 0.84 12.08 10.34
N ILE C 128 0.08 13.02 10.94
CA ILE C 128 0.26 14.45 10.65
C ILE C 128 1.67 14.91 10.99
N VAL C 129 2.13 14.58 12.20
CA VAL C 129 3.44 15.02 12.65
C VAL C 129 4.55 14.35 11.84
N ILE C 130 4.36 13.05 11.53
CA ILE C 130 5.34 12.32 10.75
C ILE C 130 5.48 12.92 9.36
N VAL C 131 4.35 13.23 8.71
CA VAL C 131 4.44 13.75 7.35
C VAL C 131 4.94 15.20 7.35
N SER C 132 4.71 15.97 8.42
CA SER C 132 5.26 17.32 8.49
C SER C 132 6.78 17.32 8.56
N LEU C 133 7.33 16.54 9.50
CA LEU C 133 8.78 16.46 9.63
C LEU C 133 9.42 15.82 8.39
N LEU C 134 8.73 14.84 7.81
CA LEU C 134 9.18 14.23 6.56
C LEU C 134 9.24 15.24 5.43
N ASN C 135 8.25 16.13 5.36
CA ASN C 135 8.25 17.16 4.31
C ASN C 135 9.45 18.09 4.45
N VAL C 136 9.77 18.47 5.69
CA VAL C 136 10.91 19.37 5.93
C VAL C 136 12.24 18.74 5.48
N TYR C 137 12.53 17.52 5.96
CA TYR C 137 13.86 17.03 5.58
C TYR C 137 13.89 16.43 4.17
N TYR C 138 12.76 16.01 3.62
CA TYR C 138 12.79 15.43 2.30
C TYR C 138 12.92 16.54 1.26
N ILE C 139 12.38 17.73 1.58
CA ILE C 139 12.64 18.87 0.71
C ILE C 139 14.06 19.42 0.87
N VAL C 140 14.75 19.23 2.00
CA VAL C 140 16.15 19.68 1.96
C VAL C 140 17.02 18.69 1.19
N ILE C 141 16.60 17.42 1.10
CA ILE C 141 17.20 16.49 0.13
C ILE C 141 17.06 17.04 -1.28
N LEU C 142 15.87 17.54 -1.59
CA LEU C 142 15.63 18.11 -2.92
C LEU C 142 16.43 19.39 -3.14
N ALA C 143 16.71 20.13 -2.08
CA ALA C 143 17.61 21.29 -2.18
C ALA C 143 19.01 20.86 -2.56
N TRP C 144 19.50 19.76 -1.97
CA TRP C 144 20.81 19.23 -2.36
C TRP C 144 20.82 18.77 -3.81
N ALA C 145 19.73 18.12 -4.25
CA ALA C 145 19.65 17.66 -5.64
C ALA C 145 19.61 18.84 -6.60
N THR C 146 18.91 19.92 -6.24
CA THR C 146 18.91 21.14 -7.05
C THR C 146 20.29 21.78 -7.12
N TYR C 147 21.00 21.80 -5.98
CA TYR C 147 22.36 22.36 -5.95
C TYR C 147 23.32 21.56 -6.81
N TYR C 148 23.19 20.23 -6.81
CA TYR C 148 23.96 19.41 -7.75
C TYR C 148 23.50 19.63 -9.19
N LEU C 149 22.23 19.98 -9.40
CA LEU C 149 21.77 20.20 -10.77
C LEU C 149 22.35 21.48 -11.35
N PHE C 150 22.42 22.56 -10.55
CA PHE C 150 22.97 23.81 -11.05
C PHE C 150 24.49 23.79 -11.13
N HIS C 151 25.14 22.83 -10.48
CA HIS C 151 26.57 22.62 -10.63
C HIS C 151 26.89 21.58 -11.69
N SER C 152 25.90 21.14 -12.45
CA SER C 152 26.09 20.17 -13.51
C SER C 152 26.08 20.78 -14.90
N PHE C 153 25.96 22.09 -15.01
CA PHE C 153 25.77 22.73 -16.30
C PHE C 153 27.06 23.16 -16.98
N GLN C 154 28.22 22.89 -16.38
CA GLN C 154 29.48 23.13 -17.05
C GLN C 154 30.01 21.83 -17.66
N LYS C 155 31.10 21.96 -18.41
CA LYS C 155 31.58 20.84 -19.23
C LYS C 155 32.18 19.73 -18.38
N ASP C 156 33.03 20.07 -17.42
CA ASP C 156 33.72 19.08 -16.59
C ASP C 156 33.21 19.26 -15.16
N LEU C 157 32.71 18.18 -14.57
CA LEU C 157 31.97 18.25 -13.32
C LEU C 157 32.88 18.61 -12.16
N PRO C 158 32.38 19.36 -11.16
CA PRO C 158 33.25 19.81 -10.07
C PRO C 158 33.66 18.71 -9.11
N TRP C 159 32.96 17.58 -9.08
CA TRP C 159 33.35 16.47 -8.23
C TRP C 159 34.26 15.48 -8.93
N ALA C 160 34.53 15.69 -10.22
CA ALA C 160 35.39 14.77 -10.96
C ALA C 160 36.85 14.94 -10.57
N HIS C 161 37.29 16.17 -10.38
CA HIS C 161 38.67 16.49 -10.08
C HIS C 161 38.71 17.38 -8.83
N CYS C 162 39.89 17.47 -8.22
CA CYS C 162 40.06 18.35 -7.07
C CYS C 162 41.22 19.31 -7.34
N ASN C 163 40.88 20.45 -7.96
CA ASN C 163 41.77 21.60 -8.06
C ASN C 163 41.03 22.89 -7.78
N HIS C 164 39.84 22.80 -7.20
CA HIS C 164 38.99 23.96 -6.98
C HIS C 164 39.34 24.61 -5.64
N SER C 165 38.54 25.60 -5.25
CA SER C 165 38.81 26.35 -4.03
C SER C 165 38.44 25.56 -2.78
N TRP C 166 37.35 24.79 -2.84
CA TRP C 166 36.87 24.07 -1.67
C TRP C 166 37.72 22.85 -1.34
N ASN C 167 38.57 22.40 -2.24
CA ASN C 167 39.32 21.17 -2.04
C ASN C 167 40.45 21.39 -1.06
N THR C 168 40.69 20.38 -0.24
CA THR C 168 41.84 20.38 0.65
C THR C 168 43.10 20.07 -0.17
N PRO C 169 44.27 20.49 0.33
CA PRO C 169 45.53 20.10 -0.34
C PRO C 169 45.82 18.61 -0.29
N GLN C 170 45.17 17.86 0.60
CA GLN C 170 45.40 16.43 0.73
C GLN C 170 44.79 15.60 -0.40
N CYS C 171 43.96 16.21 -1.25
CA CYS C 171 43.28 15.47 -2.29
C CYS C 171 44.16 15.28 -3.52
N MET C 172 43.93 14.15 -4.20
CA MET C 172 44.28 14.02 -5.61
C MET C 172 43.25 13.09 -6.22
N GLU C 173 43.20 13.09 -7.56
CA GLU C 173 42.13 12.43 -8.28
C GLU C 173 42.13 10.92 -8.05
N ASP C 174 40.93 10.33 -8.10
CA ASP C 174 40.78 8.91 -7.75
C ASP C 174 41.42 8.00 -8.78
N THR C 175 41.54 8.45 -10.03
CA THR C 175 42.24 7.67 -11.04
C THR C 175 43.71 7.49 -10.68
N LEU C 176 44.34 8.57 -10.20
CA LEU C 176 45.71 8.51 -9.71
C LEU C 176 45.69 8.35 -8.19
N ARG C 177 45.34 7.15 -7.74
CA ARG C 177 45.39 6.89 -6.30
C ARG C 177 46.11 5.58 -5.99
N ARG C 178 46.04 4.61 -6.90
CA ARG C 178 46.76 3.36 -6.71
C ARG C 178 48.19 3.43 -7.19
N ASN C 179 48.58 4.50 -7.88
CA ASN C 179 49.96 4.71 -8.30
C ASN C 179 50.78 5.44 -7.24
N GLU C 180 50.16 5.78 -6.10
CA GLU C 180 50.90 6.42 -5.02
C GLU C 180 51.87 5.46 -4.36
N SER C 181 51.49 4.19 -4.24
CA SER C 181 52.36 3.18 -3.68
C SER C 181 52.74 2.14 -4.74
N ALA C 189 45.17 5.87 1.81
CA ALA C 189 46.30 6.38 2.57
C ALA C 189 46.15 7.87 2.84
N ASN C 190 45.16 8.20 3.68
CA ASN C 190 44.78 9.56 4.13
C ASN C 190 44.72 10.59 3.00
N PHE C 191 44.31 10.15 1.81
CA PHE C 191 44.04 11.04 0.68
C PHE C 191 42.56 10.96 0.37
N THR C 192 41.91 12.11 0.26
CA THR C 192 40.47 12.19 0.18
C THR C 192 40.02 12.18 -1.28
N SER C 193 38.91 11.50 -1.54
CA SER C 193 38.35 11.45 -2.88
C SER C 193 37.73 12.80 -3.24
N PRO C 194 37.76 13.18 -4.53
CA PRO C 194 37.17 14.46 -4.92
C PRO C 194 35.65 14.51 -4.83
N VAL C 195 34.95 13.38 -4.99
CA VAL C 195 33.50 13.39 -4.87
C VAL C 195 33.08 13.64 -3.42
N ILE C 196 33.78 13.02 -2.47
CA ILE C 196 33.49 13.25 -1.05
C ILE C 196 33.89 14.64 -0.64
N GLU C 197 34.99 15.17 -1.20
CA GLU C 197 35.38 16.54 -0.90
C GLU C 197 34.39 17.55 -1.44
N PHE C 198 33.91 17.36 -2.67
CA PHE C 198 32.89 18.24 -3.21
C PHE C 198 31.62 18.17 -2.38
N TRP C 199 31.19 16.96 -2.03
CA TRP C 199 29.96 16.78 -1.26
C TRP C 199 30.06 17.38 0.12
N GLU C 200 31.18 17.20 0.80
CA GLU C 200 31.31 17.67 2.17
C GLU C 200 31.79 19.11 2.28
N ARG C 201 32.29 19.72 1.21
CA ARG C 201 32.89 21.03 1.34
C ARG C 201 32.32 22.10 0.42
N ASN C 202 31.65 21.76 -0.68
CA ASN C 202 30.92 22.75 -1.45
C ASN C 202 29.43 22.63 -1.29
N VAL C 203 28.88 21.42 -1.29
CA VAL C 203 27.46 21.25 -1.05
C VAL C 203 27.15 21.40 0.43
N LEU C 204 27.71 20.51 1.26
CA LEU C 204 27.44 20.59 2.68
C LEU C 204 28.18 21.75 3.34
N SER C 205 29.45 21.95 2.97
CA SER C 205 30.42 22.74 3.73
C SER C 205 30.40 22.32 5.19
N LEU C 206 30.75 21.06 5.41
CA LEU C 206 30.45 20.37 6.65
C LEU C 206 31.29 20.93 7.81
N SER C 207 30.60 21.31 8.88
CA SER C 207 31.25 21.90 10.03
C SER C 207 31.71 20.80 10.99
N SER C 208 32.12 21.19 12.19
CA SER C 208 32.65 20.24 13.16
C SER C 208 31.57 19.47 13.90
N GLY C 209 30.32 19.92 13.84
CA GLY C 209 29.26 19.24 14.54
C GLY C 209 27.96 20.01 14.46
N ILE C 210 26.96 19.46 15.16
CA ILE C 210 25.67 20.13 15.25
C ILE C 210 25.72 21.33 16.18
N ASP C 211 26.72 21.36 17.09
CA ASP C 211 26.90 22.51 17.97
C ASP C 211 27.42 23.72 17.22
N ASN C 212 27.93 23.53 16.00
CA ASN C 212 28.49 24.60 15.18
C ASN C 212 27.69 24.62 13.88
N PRO C 213 26.53 25.30 13.87
CA PRO C 213 25.79 25.45 12.61
C PRO C 213 26.47 26.39 11.63
N GLY C 214 27.45 27.17 12.07
CA GLY C 214 28.22 28.03 11.19
C GLY C 214 27.41 29.16 10.60
N SER C 215 27.33 29.18 9.27
CA SER C 215 26.59 30.21 8.56
C SER C 215 25.61 29.54 7.60
N LEU C 216 24.50 30.21 7.38
CA LEU C 216 23.49 29.72 6.44
C LEU C 216 24.04 29.80 5.02
N LYS C 217 24.11 28.67 4.35
CA LYS C 217 24.55 28.65 2.95
C LYS C 217 23.47 29.28 2.08
N TRP C 218 23.79 30.43 1.48
CA TRP C 218 22.82 31.13 0.66
C TRP C 218 22.54 30.40 -0.65
N ASP C 219 23.53 29.68 -1.18
CA ASP C 219 23.32 28.85 -2.37
C ASP C 219 22.27 27.78 -2.11
N LEU C 220 22.47 27.01 -1.03
CA LEU C 220 21.53 25.97 -0.68
C LEU C 220 20.19 26.52 -0.22
N ALA C 221 20.18 27.69 0.44
CA ALA C 221 18.92 28.27 0.89
C ALA C 221 18.08 28.76 -0.29
N LEU C 222 18.72 29.36 -1.30
CA LEU C 222 17.96 29.70 -2.51
C LEU C 222 17.56 28.47 -3.31
N CYS C 223 18.33 27.38 -3.27
CA CYS C 223 17.87 26.14 -3.89
C CYS C 223 16.65 25.57 -3.17
N LEU C 224 16.64 25.64 -1.84
CA LEU C 224 15.50 25.21 -1.05
C LEU C 224 14.29 26.11 -1.28
N LEU C 225 14.51 27.42 -1.42
CA LEU C 225 13.41 28.33 -1.74
C LEU C 225 12.89 28.08 -3.15
N LEU C 226 13.77 27.75 -4.10
CA LEU C 226 13.33 27.41 -5.44
C LEU C 226 12.46 26.16 -5.45
N VAL C 227 12.85 25.14 -4.70
CA VAL C 227 12.06 23.92 -4.72
C VAL C 227 10.77 24.07 -3.90
N TRP C 228 10.76 24.93 -2.87
CA TRP C 228 9.48 25.23 -2.23
C TRP C 228 8.58 26.10 -3.09
N LEU C 229 9.14 26.98 -3.92
CA LEU C 229 8.30 27.72 -4.85
C LEU C 229 7.72 26.81 -5.92
N VAL C 230 8.49 25.80 -6.34
CA VAL C 230 7.97 24.79 -7.26
C VAL C 230 6.85 23.99 -6.60
N CYS C 231 7.01 23.66 -5.31
CA CYS C 231 5.94 22.95 -4.60
C CYS C 231 4.71 23.83 -4.41
N PHE C 232 4.91 25.08 -4.00
CA PHE C 232 3.80 26.00 -3.73
C PHE C 232 3.03 26.33 -5.00
N PHE C 233 3.72 26.43 -6.13
CA PHE C 233 3.03 26.75 -7.37
C PHE C 233 2.46 25.51 -8.06
N CYS C 234 2.59 24.34 -7.45
CA CYS C 234 2.01 23.12 -7.99
C CYS C 234 1.03 22.42 -7.05
N ILE C 235 1.10 22.67 -5.75
CA ILE C 235 0.12 22.10 -4.83
C ILE C 235 -1.26 22.70 -5.09
N TRP C 236 -1.33 24.02 -5.15
CA TRP C 236 -2.52 24.71 -5.65
C TRP C 236 -2.05 25.87 -6.51
N LYS C 237 -3.01 26.56 -7.12
CA LYS C 237 -2.79 27.49 -8.23
C LYS C 237 -2.02 26.80 -9.35
N GLY C 238 -2.36 25.55 -9.61
CA GLY C 238 -1.67 24.75 -10.59
C GLY C 238 -2.12 23.31 -10.49
N VAL C 239 -1.66 22.52 -11.47
CA VAL C 239 -2.03 21.12 -11.58
C VAL C 239 -0.75 20.31 -11.73
N ARG C 240 -0.80 19.07 -11.26
CA ARG C 240 0.35 18.17 -11.33
C ARG C 240 0.31 17.39 -12.66
N SER C 241 1.19 16.39 -12.78
CA SER C 241 1.24 15.58 -13.99
C SER C 241 0.00 14.72 -14.11
N THR C 242 -0.66 14.78 -15.27
CA THR C 242 -1.91 14.07 -15.47
C THR C 242 -1.89 13.10 -16.65
N GLY C 243 -1.44 13.54 -17.83
CA GLY C 243 -1.63 12.75 -19.03
C GLY C 243 -0.42 11.99 -19.53
N LYS C 244 0.11 12.39 -20.68
CA LYS C 244 1.29 11.74 -21.26
C LYS C 244 2.54 12.01 -20.44
N VAL C 245 2.57 13.11 -19.69
CA VAL C 245 3.70 13.42 -18.82
C VAL C 245 3.78 12.41 -17.66
N VAL C 246 2.66 11.80 -17.28
CA VAL C 246 2.70 10.69 -16.32
C VAL C 246 3.44 9.50 -16.92
N TYR C 247 3.17 9.19 -18.20
CA TYR C 247 3.85 8.09 -18.87
C TYR C 247 5.34 8.36 -19.03
N PHE C 248 5.74 9.63 -19.13
CA PHE C 248 7.16 9.96 -19.13
C PHE C 248 7.77 9.76 -17.74
N THR C 249 7.13 10.29 -16.71
CA THR C 249 7.71 10.27 -15.37
C THR C 249 7.54 8.93 -14.66
N ALA C 250 6.83 7.99 -15.26
CA ALA C 250 6.73 6.65 -14.67
C ALA C 250 7.88 5.75 -15.09
N THR C 251 8.46 5.98 -16.27
CA THR C 251 9.54 5.14 -16.75
C THR C 251 10.90 5.84 -16.83
N PHE C 252 10.94 7.17 -16.77
CA PHE C 252 12.20 7.90 -16.77
C PHE C 252 13.07 7.64 -15.52
N PRO C 253 12.54 7.61 -14.28
CA PRO C 253 13.39 7.15 -13.17
C PRO C 253 13.84 5.71 -13.31
N PHE C 254 13.00 4.84 -13.86
CA PHE C 254 13.39 3.45 -14.05
C PHE C 254 14.43 3.31 -15.15
N ALA C 255 14.30 4.11 -16.21
CA ALA C 255 15.31 4.12 -17.26
C ALA C 255 16.64 4.68 -16.73
N MET C 256 16.58 5.72 -15.90
CA MET C 256 17.80 6.31 -15.38
C MET C 256 18.49 5.36 -14.39
N LEU C 257 17.70 4.68 -13.56
CA LEU C 257 18.25 3.68 -12.65
C LEU C 257 18.79 2.47 -13.40
N LEU C 258 18.17 2.11 -14.52
CA LEU C 258 18.71 1.03 -15.36
C LEU C 258 20.03 1.45 -15.99
N VAL C 259 20.16 2.71 -16.39
CA VAL C 259 21.41 3.22 -16.95
C VAL C 259 22.51 3.18 -15.90
N LEU C 260 22.21 3.63 -14.67
CA LEU C 260 23.18 3.51 -13.58
C LEU C 260 23.50 2.06 -13.23
N LEU C 261 22.53 1.16 -13.32
CA LEU C 261 22.80 -0.24 -13.00
C LEU C 261 23.72 -0.88 -14.04
N VAL C 262 23.43 -0.67 -15.32
CA VAL C 262 24.26 -1.21 -16.39
C VAL C 262 25.66 -0.59 -16.36
N ARG C 263 25.75 0.69 -16.00
CA ARG C 263 27.07 1.31 -15.82
C ARG C 263 27.80 0.70 -14.64
N GLY C 264 27.10 0.51 -13.51
CA GLY C 264 27.76 0.05 -12.30
C GLY C 264 28.26 -1.37 -12.40
N LEU C 265 27.47 -2.27 -13.02
CA LEU C 265 27.88 -3.66 -13.13
C LEU C 265 29.09 -3.83 -14.05
N THR C 266 29.21 -2.97 -15.06
CA THR C 266 30.34 -3.05 -15.99
C THR C 266 31.58 -2.33 -15.47
N LEU C 267 31.49 -1.66 -14.33
CA LEU C 267 32.67 -1.07 -13.73
C LEU C 267 33.61 -2.15 -13.22
N PRO C 268 34.92 -1.95 -13.30
CA PRO C 268 35.86 -2.94 -12.74
C PRO C 268 35.80 -2.94 -11.22
N GLY C 269 35.52 -4.12 -10.66
CA GLY C 269 35.41 -4.26 -9.23
C GLY C 269 34.00 -4.19 -8.68
N ALA C 270 32.99 -4.29 -9.54
CA ALA C 270 31.62 -4.30 -9.06
C ALA C 270 31.27 -5.58 -8.32
N GLY C 271 31.97 -6.67 -8.63
CA GLY C 271 31.69 -7.93 -7.97
C GLY C 271 31.99 -7.93 -6.49
N GLU C 272 33.07 -7.24 -6.09
CA GLU C 272 33.36 -7.10 -4.67
C GLU C 272 32.33 -6.24 -3.97
N GLY C 273 31.80 -5.23 -4.66
CA GLY C 273 30.73 -4.43 -4.10
C GLY C 273 29.43 -5.20 -3.95
N ILE C 274 29.11 -6.06 -4.91
CA ILE C 274 27.93 -6.90 -4.80
C ILE C 274 28.13 -7.99 -3.73
N LYS C 275 29.35 -8.47 -3.56
CA LYS C 275 29.64 -9.38 -2.46
C LYS C 275 29.52 -8.68 -1.11
N PHE C 276 29.84 -7.39 -1.05
CA PHE C 276 29.55 -6.60 0.14
C PHE C 276 28.06 -6.42 0.33
N TYR C 277 27.33 -6.24 -0.77
CA TYR C 277 25.92 -5.90 -0.72
C TYR C 277 25.03 -7.08 -0.35
N LEU C 278 25.38 -8.27 -0.83
CA LEU C 278 24.50 -9.43 -0.74
C LEU C 278 24.89 -10.41 0.34
N TYR C 279 26.18 -10.65 0.54
CA TYR C 279 26.61 -11.67 1.50
C TYR C 279 26.44 -11.12 2.91
N PRO C 280 25.61 -11.75 3.75
CA PRO C 280 25.33 -11.18 5.07
C PRO C 280 26.45 -11.41 6.06
N ASP C 281 26.60 -10.43 6.95
CA ASP C 281 27.48 -10.54 8.12
C ASP C 281 26.56 -10.83 9.30
N ILE C 282 26.51 -12.10 9.72
CA ILE C 282 25.50 -12.56 10.67
C ILE C 282 25.73 -11.94 12.05
N SER C 283 26.98 -11.63 12.40
CA SER C 283 27.26 -10.96 13.67
C SER C 283 26.69 -9.55 13.73
N ARG C 284 26.45 -8.92 12.57
CA ARG C 284 25.84 -7.61 12.51
C ARG C 284 24.32 -7.67 12.65
N LEU C 285 23.72 -8.86 12.50
CA LEU C 285 22.29 -9.01 12.75
C LEU C 285 21.92 -8.86 14.22
N GLY C 286 22.90 -8.97 15.12
CA GLY C 286 22.67 -8.66 16.52
C GLY C 286 22.72 -7.20 16.87
N ASP C 287 23.04 -6.35 15.90
CA ASP C 287 22.94 -4.91 16.09
C ASP C 287 21.47 -4.50 15.96
N PRO C 288 20.88 -3.86 16.97
CA PRO C 288 19.48 -3.42 16.83
C PRO C 288 19.30 -2.25 15.88
N GLN C 289 20.37 -1.59 15.48
CA GLN C 289 20.28 -0.55 14.46
C GLN C 289 19.87 -1.12 13.12
N VAL C 290 20.34 -2.33 12.79
CA VAL C 290 20.10 -2.92 11.49
C VAL C 290 18.63 -3.25 11.29
N TRP C 291 18.00 -3.80 12.33
CA TRP C 291 16.60 -4.22 12.24
C TRP C 291 15.66 -3.03 12.10
N ILE C 292 15.86 -1.99 12.92
CA ILE C 292 15.04 -0.79 12.81
C ILE C 292 15.31 -0.04 11.52
N ASP C 293 16.56 0.00 11.08
CA ASP C 293 16.89 0.65 9.81
C ASP C 293 16.19 -0.01 8.65
N ALA C 294 16.17 -1.35 8.63
CA ALA C 294 15.52 -2.09 7.56
C ALA C 294 14.00 -1.99 7.64
N GLY C 295 13.44 -2.20 8.84
CA GLY C 295 11.99 -2.17 8.98
C GLY C 295 11.39 -0.80 8.77
N THR C 296 12.06 0.23 9.25
CA THR C 296 11.56 1.57 9.01
C THR C 296 11.96 2.10 7.65
N GLN C 297 12.88 1.47 6.93
CA GLN C 297 13.01 1.79 5.52
C GLN C 297 11.84 1.21 4.74
N ILE C 298 11.37 0.01 5.12
CA ILE C 298 10.10 -0.50 4.60
C ILE C 298 8.94 0.45 4.92
N PHE C 299 8.81 0.85 6.18
CA PHE C 299 7.70 1.70 6.58
C PHE C 299 7.82 3.11 6.02
N PHE C 300 9.04 3.55 5.75
CA PHE C 300 9.28 4.83 5.11
C PHE C 300 8.84 4.78 3.65
N SER C 301 9.27 3.74 2.93
CA SER C 301 8.97 3.63 1.51
C SER C 301 7.52 3.28 1.25
N TYR C 302 6.78 2.81 2.26
CA TYR C 302 5.39 2.44 2.07
C TYR C 302 4.40 3.46 2.61
N ALA C 303 4.81 4.28 3.58
CA ALA C 303 3.96 5.39 3.98
C ALA C 303 3.89 6.46 2.90
N ILE C 304 4.98 6.65 2.15
CA ILE C 304 4.92 7.48 0.95
C ILE C 304 4.14 6.77 -0.14
N CYS C 305 4.23 5.43 -0.21
CA CYS C 305 3.42 4.69 -1.16
C CYS C 305 1.95 4.65 -0.74
N LEU C 306 1.67 4.76 0.56
CA LEU C 306 0.31 5.04 1.01
C LEU C 306 -0.23 6.33 0.45
N GLY C 307 0.56 7.41 0.55
CA GLY C 307 0.15 8.67 -0.03
C GLY C 307 0.08 8.64 -1.53
N ALA C 308 0.82 7.72 -2.17
CA ALA C 308 0.80 7.62 -3.63
C ALA C 308 -0.58 7.24 -4.13
N MET C 309 -1.16 6.17 -3.58
CA MET C 309 -2.51 5.76 -3.98
C MET C 309 -3.56 6.80 -3.57
N THR C 310 -3.47 7.29 -2.33
CA THR C 310 -4.47 8.19 -1.78
C THR C 310 -4.51 9.53 -2.51
N SER C 311 -3.35 10.06 -2.87
CA SER C 311 -3.27 11.33 -3.58
C SER C 311 -3.35 11.19 -5.09
N LEU C 312 -3.02 10.02 -5.65
CA LEU C 312 -3.22 9.73 -7.06
C LEU C 312 -4.42 8.82 -7.27
N GLY C 313 -5.47 9.04 -6.48
CA GLY C 313 -6.78 8.49 -6.71
C GLY C 313 -7.36 7.71 -5.54
N SER C 314 -8.31 8.34 -4.86
CA SER C 314 -8.99 7.77 -3.71
C SER C 314 -10.23 7.05 -4.20
N TYR C 315 -10.37 5.78 -3.83
CA TYR C 315 -11.45 4.86 -4.17
C TYR C 315 -11.52 4.60 -5.68
N ASN C 316 -10.44 4.89 -6.42
CA ASN C 316 -10.38 4.50 -7.83
C ASN C 316 -10.18 3.01 -7.98
N LYS C 317 -9.50 2.39 -7.00
CA LYS C 317 -9.19 0.97 -7.08
C LYS C 317 -10.24 0.15 -6.34
N TYR C 318 -11.45 0.68 -6.24
CA TYR C 318 -12.55 0.24 -5.38
C TYR C 318 -12.88 -1.25 -5.44
N LYS C 319 -13.25 -1.79 -6.61
CA LYS C 319 -13.47 -3.24 -6.68
C LYS C 319 -12.24 -3.96 -7.19
N TYR C 320 -11.39 -3.27 -7.94
CA TYR C 320 -10.19 -3.89 -8.50
C TYR C 320 -9.13 -4.05 -7.42
N ASN C 321 -9.20 -5.16 -6.69
CA ASN C 321 -8.11 -5.84 -5.98
C ASN C 321 -7.10 -4.93 -5.29
N SER C 322 -7.53 -4.17 -4.29
CA SER C 322 -6.60 -3.34 -3.54
C SER C 322 -5.71 -4.18 -2.64
N TYR C 323 -5.98 -5.48 -2.54
CA TYR C 323 -4.96 -6.43 -2.13
C TYR C 323 -3.85 -6.48 -3.17
N ARG C 324 -4.17 -6.95 -4.37
CA ARG C 324 -3.17 -7.22 -5.39
C ARG C 324 -2.55 -5.95 -5.93
N ASP C 325 -3.30 -4.85 -5.93
CA ASP C 325 -2.73 -3.55 -6.28
C ASP C 325 -1.64 -3.16 -5.28
N CYS C 326 -1.90 -3.36 -4.00
CA CYS C 326 -0.94 -3.04 -2.96
C CYS C 326 0.29 -3.91 -3.04
N MET C 327 0.12 -5.21 -3.30
CA MET C 327 1.30 -6.06 -3.45
C MET C 327 2.06 -5.76 -4.73
N LEU C 328 1.36 -5.29 -5.77
CA LEU C 328 2.04 -4.86 -6.99
C LEU C 328 2.93 -3.65 -6.74
N LEU C 329 2.39 -2.59 -6.14
CA LEU C 329 3.21 -1.42 -5.84
C LEU C 329 4.25 -1.69 -4.75
N GLY C 330 3.92 -2.51 -3.76
CA GLY C 330 4.90 -2.82 -2.72
C GLY C 330 6.07 -3.63 -3.23
N CYS C 331 5.80 -4.66 -4.05
CA CYS C 331 6.88 -5.45 -4.60
C CYS C 331 7.67 -4.68 -5.66
N LEU C 332 7.00 -3.81 -6.42
CA LEU C 332 7.72 -2.96 -7.37
C LEU C 332 8.60 -1.95 -6.64
N ASN C 333 8.12 -1.41 -5.53
CA ASN C 333 8.90 -0.47 -4.73
C ASN C 333 10.12 -1.14 -4.11
N SER C 334 9.93 -2.33 -3.52
CA SER C 334 11.05 -3.03 -2.90
C SER C 334 12.03 -3.55 -3.94
N GLY C 335 11.53 -3.97 -5.11
CA GLY C 335 12.41 -4.33 -6.20
C GLY C 335 13.19 -3.15 -6.74
N THR C 336 12.58 -1.97 -6.77
CA THR C 336 13.30 -0.77 -7.17
C THR C 336 14.39 -0.42 -6.17
N SER C 337 14.11 -0.61 -4.88
CA SER C 337 15.14 -0.48 -3.85
C SER C 337 16.28 -1.45 -4.10
N PHE C 338 15.95 -2.71 -4.40
CA PHE C 338 16.97 -3.75 -4.58
C PHE C 338 17.83 -3.50 -5.82
N VAL C 339 17.22 -3.04 -6.91
CA VAL C 339 17.96 -2.68 -8.12
C VAL C 339 18.85 -1.47 -7.88
N SER C 340 18.33 -0.43 -7.19
CA SER C 340 19.15 0.73 -6.90
C SER C 340 20.29 0.39 -5.94
N GLY C 341 20.07 -0.57 -5.04
CA GLY C 341 21.15 -1.04 -4.20
C GLY C 341 22.22 -1.78 -4.99
N PHE C 342 21.81 -2.59 -5.98
CA PHE C 342 22.77 -3.22 -6.88
C PHE C 342 23.62 -2.19 -7.61
N ALA C 343 22.97 -1.13 -8.11
CA ALA C 343 23.69 -0.07 -8.82
C ALA C 343 24.67 0.65 -7.90
N ILE C 344 24.18 1.11 -6.73
CA ILE C 344 24.99 1.87 -5.79
C ILE C 344 26.18 1.05 -5.30
N PHE C 345 25.95 -0.19 -4.93
CA PHE C 345 27.05 -0.97 -4.36
C PHE C 345 27.99 -1.49 -5.42
N SER C 346 27.54 -1.61 -6.68
CA SER C 346 28.49 -1.84 -7.76
C SER C 346 29.43 -0.66 -7.91
N ILE C 347 28.88 0.57 -7.81
CA ILE C 347 29.72 1.77 -7.87
C ILE C 347 30.68 1.80 -6.68
N LEU C 348 30.21 1.45 -5.49
CA LEU C 348 31.05 1.50 -4.30
C LEU C 348 32.15 0.44 -4.34
N GLY C 349 31.86 -0.73 -4.92
CA GLY C 349 32.91 -1.70 -5.14
C GLY C 349 33.94 -1.23 -6.16
N PHE C 350 33.48 -0.54 -7.20
CA PHE C 350 34.42 0.07 -8.14
C PHE C 350 35.29 1.12 -7.47
N MET C 351 34.70 1.94 -6.62
CA MET C 351 35.45 2.98 -5.92
C MET C 351 36.44 2.38 -4.94
N ALA C 352 36.08 1.26 -4.30
CA ALA C 352 37.01 0.61 -3.38
C ALA C 352 38.16 -0.05 -4.11
N GLN C 353 37.90 -0.65 -5.28
CA GLN C 353 38.99 -1.18 -6.10
C GLN C 353 39.87 -0.06 -6.63
N GLU C 354 39.28 1.07 -7.00
CA GLU C 354 40.03 2.16 -7.59
C GLU C 354 40.89 2.90 -6.57
N GLN C 355 40.34 3.15 -5.39
CA GLN C 355 41.11 3.72 -4.29
C GLN C 355 41.82 2.59 -3.55
N GLY C 356 42.46 2.91 -2.43
CA GLY C 356 43.14 1.89 -1.67
C GLY C 356 42.46 1.56 -0.36
N VAL C 357 41.18 1.89 -0.25
CA VAL C 357 40.44 1.75 1.00
C VAL C 357 39.42 0.63 0.87
N ASP C 358 38.82 0.27 2.00
CA ASP C 358 37.87 -0.84 2.06
C ASP C 358 36.54 -0.42 1.44
N ILE C 359 35.69 -1.42 1.19
CA ILE C 359 34.39 -1.15 0.58
C ILE C 359 33.50 -0.41 1.56
N ALA C 360 33.57 -0.76 2.85
CA ALA C 360 32.75 -0.13 3.87
C ALA C 360 33.29 1.23 4.30
N ASP C 361 34.48 1.63 3.85
CA ASP C 361 35.06 2.92 4.20
C ASP C 361 35.21 3.86 3.02
N VAL C 362 34.79 3.44 1.82
CA VAL C 362 35.11 4.21 0.62
C VAL C 362 34.24 5.45 0.47
N ALA C 363 33.08 5.50 1.11
CA ALA C 363 32.16 6.61 0.92
C ALA C 363 31.53 6.94 2.26
N GLU C 364 30.45 7.70 2.21
CA GLU C 364 29.80 8.20 3.42
C GLU C 364 28.79 7.18 3.92
N SER C 365 28.95 6.72 5.16
CA SER C 365 27.96 5.89 5.83
C SER C 365 26.90 6.82 6.43
N GLY C 366 26.15 7.44 5.55
CA GLY C 366 25.24 8.48 5.90
C GLY C 366 24.54 8.96 4.66
N PRO C 367 23.72 10.01 4.77
CA PRO C 367 22.76 10.34 3.70
C PRO C 367 23.39 10.83 2.41
N GLY C 368 24.69 11.10 2.37
CA GLY C 368 25.29 11.59 1.15
C GLY C 368 25.85 10.50 0.27
N LEU C 369 25.41 9.26 0.47
CA LEU C 369 25.90 8.16 -0.35
C LEU C 369 25.42 8.26 -1.79
N ALA C 370 24.14 8.60 -1.98
CA ALA C 370 23.61 8.79 -3.33
C ALA C 370 24.14 10.06 -3.99
N PHE C 371 24.72 10.98 -3.22
CA PHE C 371 25.38 12.15 -3.75
C PHE C 371 26.88 11.95 -3.86
N ILE C 372 27.36 10.73 -3.63
CA ILE C 372 28.75 10.36 -3.83
C ILE C 372 28.88 9.27 -4.88
N ALA C 373 28.16 8.16 -4.69
CA ALA C 373 28.28 7.02 -5.59
C ALA C 373 27.66 7.32 -6.95
N TYR C 374 26.45 7.84 -6.97
CA TYR C 374 25.81 8.16 -8.24
C TYR C 374 26.50 9.27 -9.04
N PRO C 375 26.92 10.42 -8.45
CA PRO C 375 27.77 11.33 -9.22
C PRO C 375 29.12 10.74 -9.63
N LYS C 376 29.70 9.88 -8.81
CA LYS C 376 30.96 9.22 -9.18
C LYS C 376 30.77 8.30 -10.38
N ALA C 377 29.64 7.59 -10.44
CA ALA C 377 29.36 6.76 -11.61
C ALA C 377 29.05 7.61 -12.83
N VAL C 378 28.42 8.76 -12.61
CA VAL C 378 28.18 9.70 -13.71
C VAL C 378 29.50 10.18 -14.30
N THR C 379 30.51 10.41 -13.46
CA THR C 379 31.83 10.77 -13.98
C THR C 379 32.51 9.67 -14.77
N MET C 380 32.03 8.42 -14.69
CA MET C 380 32.57 7.31 -15.49
C MET C 380 31.65 6.96 -16.65
N MET C 381 31.01 7.95 -17.26
CA MET C 381 30.12 7.79 -18.38
C MET C 381 30.66 8.51 -19.60
N PRO C 382 30.20 8.15 -20.80
CA PRO C 382 30.37 9.06 -21.94
C PRO C 382 29.48 10.28 -21.77
N LEU C 383 30.06 11.47 -21.95
CA LEU C 383 29.45 12.78 -21.75
C LEU C 383 28.85 12.89 -20.34
N PRO C 384 29.68 13.05 -19.31
CA PRO C 384 29.16 13.03 -17.93
C PRO C 384 28.26 14.20 -17.59
N THR C 385 28.35 15.32 -18.30
CA THR C 385 27.46 16.45 -18.05
C THR C 385 26.01 16.08 -18.35
N PHE C 386 25.80 15.35 -19.46
CA PHE C 386 24.47 14.89 -19.86
C PHE C 386 23.84 14.01 -18.79
N TRP C 387 24.59 13.01 -18.32
CA TRP C 387 24.04 12.09 -17.33
C TRP C 387 23.91 12.74 -15.96
N SER C 388 24.75 13.72 -15.63
CA SER C 388 24.59 14.42 -14.36
C SER C 388 23.33 15.27 -14.36
N ILE C 389 23.10 16.01 -15.47
CA ILE C 389 21.91 16.84 -15.59
C ILE C 389 20.64 15.98 -15.53
N LEU C 390 20.61 14.90 -16.31
CA LEU C 390 19.40 14.06 -16.28
C LEU C 390 19.27 13.24 -15.02
N PHE C 391 20.35 12.85 -14.35
CA PHE C 391 20.19 12.12 -13.10
C PHE C 391 19.67 13.03 -11.99
N PHE C 392 20.17 14.26 -11.91
CA PHE C 392 19.64 15.12 -10.86
C PHE C 392 18.28 15.71 -11.23
N ILE C 393 17.95 15.78 -12.52
CA ILE C 393 16.57 16.05 -12.93
C ILE C 393 15.68 14.89 -12.51
N MET C 394 16.16 13.64 -12.64
CA MET C 394 15.41 12.48 -12.18
C MET C 394 15.18 12.51 -10.68
N LEU C 395 16.21 12.88 -9.91
CA LEU C 395 16.06 13.00 -8.47
C LEU C 395 15.05 14.08 -8.12
N LEU C 396 15.08 15.20 -8.85
CA LEU C 396 14.12 16.28 -8.62
C LEU C 396 12.70 15.87 -8.98
N LEU C 397 12.50 15.15 -10.09
CA LEU C 397 11.17 14.68 -10.43
C LEU C 397 10.64 13.67 -9.42
N LEU C 398 11.50 12.73 -8.98
CA LEU C 398 11.07 11.72 -8.02
C LEU C 398 10.69 12.34 -6.69
N GLY C 399 11.58 13.15 -6.12
CA GLY C 399 11.29 13.74 -4.85
C GLY C 399 10.26 14.85 -4.91
N LEU C 400 10.13 15.52 -6.04
CA LEU C 400 9.13 16.56 -6.17
C LEU C 400 7.75 15.97 -6.33
N ASP C 401 7.61 14.86 -7.08
CA ASP C 401 6.32 14.18 -7.14
C ASP C 401 5.95 13.61 -5.79
N SER C 402 6.92 13.02 -5.07
CA SER C 402 6.62 12.53 -3.73
C SER C 402 6.30 13.67 -2.77
N GLN C 403 6.92 14.83 -2.94
CA GLN C 403 6.61 15.98 -2.10
C GLN C 403 5.25 16.59 -2.43
N PHE C 404 4.86 16.60 -3.71
CA PHE C 404 3.50 16.99 -4.06
C PHE C 404 2.50 16.05 -3.41
N VAL C 405 2.81 14.75 -3.43
CA VAL C 405 1.99 13.72 -2.80
C VAL C 405 1.85 13.97 -1.30
N GLU C 406 2.98 14.18 -0.61
CA GLU C 406 2.92 14.27 0.85
C GLU C 406 2.37 15.61 1.32
N VAL C 407 2.68 16.71 0.63
CA VAL C 407 2.11 18.00 1.01
C VAL C 407 0.62 18.04 0.68
N GLU C 408 0.19 17.43 -0.44
CA GLU C 408 -1.22 17.30 -0.74
C GLU C 408 -1.94 16.47 0.33
N GLY C 409 -1.30 15.39 0.78
CA GLY C 409 -1.87 14.61 1.86
C GLY C 409 -1.95 15.38 3.17
N GLN C 410 -0.93 16.18 3.47
CA GLN C 410 -0.94 16.98 4.70
C GLN C 410 -2.02 18.06 4.66
N ILE C 411 -2.15 18.77 3.53
CA ILE C 411 -3.21 19.77 3.40
C ILE C 411 -4.58 19.12 3.44
N THR C 412 -4.75 17.98 2.77
CA THR C 412 -6.03 17.27 2.77
C THR C 412 -6.41 16.82 4.17
N SER C 413 -5.45 16.27 4.91
CA SER C 413 -5.73 15.81 6.26
C SER C 413 -5.89 16.95 7.27
N LEU C 414 -5.24 18.10 7.09
CA LEU C 414 -5.50 19.22 7.99
C LEU C 414 -6.81 19.93 7.68
N VAL C 415 -7.22 20.01 6.41
CA VAL C 415 -8.54 20.56 6.12
C VAL C 415 -9.65 19.55 6.34
N ASP C 416 -9.31 18.29 6.58
CA ASP C 416 -10.26 17.35 7.15
C ASP C 416 -10.27 17.39 8.68
N LEU C 417 -9.16 17.82 9.28
CA LEU C 417 -9.17 18.09 10.72
C LEU C 417 -10.07 19.28 11.05
N TYR C 418 -10.05 20.30 10.21
CA TYR C 418 -10.94 21.45 10.31
C TYR C 418 -11.72 21.54 9.01
N PRO C 419 -12.89 20.88 8.92
CA PRO C 419 -13.64 20.84 7.65
C PRO C 419 -14.17 22.20 7.22
N SER C 420 -14.80 22.92 8.14
CA SER C 420 -15.22 24.29 7.92
C SER C 420 -14.66 25.24 8.96
N PHE C 421 -13.83 24.75 9.87
CA PHE C 421 -13.31 25.56 10.97
C PHE C 421 -12.12 26.38 10.47
N LEU C 422 -12.43 27.58 9.97
CA LEU C 422 -11.52 28.69 9.70
C LEU C 422 -10.56 28.45 8.53
N ARG C 423 -10.54 27.26 7.94
CA ARG C 423 -9.61 26.96 6.85
C ARG C 423 -10.29 27.00 5.49
N LYS C 424 -11.36 26.22 5.31
CA LYS C 424 -12.01 26.13 4.01
C LYS C 424 -12.87 27.36 3.71
N GLY C 425 -13.47 27.96 4.74
CA GLY C 425 -14.32 29.12 4.53
C GLY C 425 -13.59 30.38 4.11
N TYR C 426 -12.30 30.48 4.43
CA TYR C 426 -11.47 31.59 3.99
C TYR C 426 -10.87 31.28 2.63
N ARG C 427 -9.84 32.06 2.26
CA ARG C 427 -9.23 31.98 0.94
C ARG C 427 -8.55 30.63 0.70
N ARG C 428 -7.83 30.13 1.71
CA ARG C 428 -7.14 28.83 1.79
C ARG C 428 -5.88 28.81 0.90
N GLU C 429 -5.72 29.81 0.03
CA GLU C 429 -4.46 30.01 -0.66
C GLU C 429 -3.37 30.39 0.33
N ILE C 430 -3.72 31.19 1.33
CA ILE C 430 -2.73 31.63 2.30
C ILE C 430 -2.31 30.50 3.24
N PHE C 431 -3.13 29.46 3.40
CA PHE C 431 -2.74 28.36 4.28
C PHE C 431 -1.61 27.54 3.70
N ILE C 432 -1.62 27.35 2.37
CA ILE C 432 -0.52 26.69 1.68
C ILE C 432 0.77 27.48 1.86
N ALA C 433 0.66 28.80 1.74
CA ALA C 433 1.83 29.68 1.89
C ALA C 433 2.38 29.65 3.30
N ILE C 434 1.51 29.66 4.32
CA ILE C 434 1.98 29.61 5.69
C ILE C 434 2.60 28.25 6.01
N LEU C 435 2.00 27.16 5.54
CA LEU C 435 2.57 25.84 5.81
C LEU C 435 3.92 25.67 5.11
N CYS C 436 4.01 26.10 3.86
CA CYS C 436 5.29 26.05 3.16
C CYS C 436 6.31 27.02 3.76
N SER C 437 5.85 28.12 4.36
CA SER C 437 6.77 29.10 4.93
C SER C 437 7.43 28.58 6.21
N ILE C 438 6.62 28.08 7.15
CA ILE C 438 7.22 27.48 8.35
C ILE C 438 7.93 26.15 8.02
N SER C 439 7.52 25.43 6.98
CA SER C 439 8.30 24.26 6.58
C SER C 439 9.64 24.66 5.97
N TYR C 440 9.69 25.79 5.27
CA TYR C 440 10.96 26.34 4.81
C TYR C 440 11.84 26.81 5.96
N LEU C 441 11.25 27.48 6.94
CA LEU C 441 12.03 27.98 8.07
C LEU C 441 12.55 26.85 8.95
N LEU C 442 11.78 25.78 9.10
CA LEU C 442 12.33 24.58 9.72
C LEU C 442 13.37 23.91 8.83
N GLY C 443 13.21 24.03 7.51
CA GLY C 443 14.23 23.52 6.60
C GLY C 443 15.48 24.36 6.56
N LEU C 444 15.44 25.59 7.09
CA LEU C 444 16.64 26.40 7.21
C LEU C 444 17.55 25.93 8.34
N THR C 445 17.03 25.14 9.28
CA THR C 445 17.87 24.65 10.35
C THR C 445 18.82 23.55 9.89
N MET C 446 18.48 22.84 8.82
CA MET C 446 19.32 21.76 8.33
C MET C 446 19.86 22.03 6.93
N VAL C 447 19.98 23.29 6.52
CA VAL C 447 20.54 23.55 5.20
C VAL C 447 21.71 24.52 5.43
N THR C 448 22.08 24.69 6.69
CA THR C 448 23.19 25.54 7.10
C THR C 448 24.51 24.76 7.00
N GLU C 449 25.59 25.30 7.58
CA GLU C 449 26.89 24.63 7.52
C GLU C 449 26.93 23.36 8.37
N GLY C 450 26.15 23.32 9.45
CA GLY C 450 25.98 22.10 10.21
C GLY C 450 24.66 21.46 9.88
N GLY C 451 24.28 21.51 8.59
CA GLY C 451 22.96 21.09 8.18
C GLY C 451 22.81 19.59 8.03
N MET C 452 23.88 18.88 7.70
CA MET C 452 23.82 17.43 7.66
C MET C 452 23.55 16.80 9.02
N TYR C 453 24.05 17.40 10.09
CA TYR C 453 23.82 16.83 11.41
C TYR C 453 22.36 16.94 11.83
N VAL C 454 21.76 18.11 11.62
CA VAL C 454 20.33 18.28 11.87
C VAL C 454 19.50 17.43 10.92
N PHE C 455 19.97 17.29 9.67
CA PHE C 455 19.24 16.47 8.70
C PHE C 455 19.24 15.00 9.10
N GLN C 456 20.39 14.48 9.51
CA GLN C 456 20.49 13.08 9.90
C GLN C 456 19.73 12.84 11.20
N LEU C 457 19.67 13.84 12.08
CA LEU C 457 18.77 13.77 13.23
C LEU C 457 17.32 13.61 12.80
N PHE C 458 16.88 14.45 11.85
CA PHE C 458 15.51 14.39 11.34
C PHE C 458 15.23 13.07 10.64
N ASP C 459 16.19 12.57 9.89
CA ASP C 459 15.96 11.33 9.15
C ASP C 459 15.93 10.13 10.05
N TYR C 460 16.85 10.04 11.01
CA TYR C 460 16.89 8.89 11.90
C TYR C 460 15.74 8.91 12.89
N TYR C 461 15.23 10.09 13.24
CA TYR C 461 14.31 10.16 14.37
C TYR C 461 12.93 10.67 14.00
N ALA C 462 12.84 11.74 13.21
CA ALA C 462 11.61 12.52 13.18
C ALA C 462 10.49 11.82 12.41
N ALA C 463 10.81 11.14 11.31
CA ALA C 463 9.77 10.51 10.52
C ALA C 463 10.06 9.08 10.12
N SER C 464 11.22 8.53 10.46
CA SER C 464 11.52 7.15 10.12
C SER C 464 12.33 6.45 11.20
N GLY C 465 11.93 6.60 12.45
CA GLY C 465 12.65 5.93 13.50
C GLY C 465 11.80 4.92 14.24
N VAL C 466 11.86 4.92 15.57
CA VAL C 466 10.90 4.15 16.36
C VAL C 466 9.49 4.70 16.28
N CYS C 467 9.32 5.91 15.72
CA CYS C 467 7.99 6.48 15.52
C CYS C 467 7.19 5.69 14.49
N LEU C 468 7.83 5.24 13.42
CA LEU C 468 7.14 4.45 12.41
C LEU C 468 6.79 3.06 12.95
N LEU C 469 7.67 2.48 13.76
CA LEU C 469 7.37 1.23 14.45
C LEU C 469 6.21 1.42 15.41
N TRP C 470 6.17 2.56 16.10
CA TRP C 470 5.08 2.89 17.02
C TRP C 470 3.75 2.97 16.30
N VAL C 471 3.71 3.69 15.18
CA VAL C 471 2.47 3.86 14.43
C VAL C 471 2.02 2.54 13.81
N ALA C 472 2.94 1.76 13.25
CA ALA C 472 2.58 0.49 12.64
C ALA C 472 2.11 -0.54 13.68
N PHE C 473 2.80 -0.60 14.83
CA PHE C 473 2.36 -1.50 15.89
C PHE C 473 1.01 -1.09 16.44
N PHE C 474 0.76 0.22 16.59
CA PHE C 474 -0.52 0.63 17.14
C PHE C 474 -1.66 0.42 16.16
N GLU C 475 -1.41 0.63 14.86
CA GLU C 475 -2.42 0.31 13.86
C GLU C 475 -2.77 -1.17 13.87
N CYS C 476 -1.73 -2.02 13.85
CA CYS C 476 -1.94 -3.46 13.83
C CYS C 476 -2.60 -3.94 15.11
N PHE C 477 -2.20 -3.41 16.27
CA PHE C 477 -2.78 -3.81 17.54
C PHE C 477 -4.24 -3.41 17.62
N VAL C 478 -4.56 -2.19 17.22
CA VAL C 478 -5.94 -1.69 17.29
C VAL C 478 -6.84 -2.52 16.39
N ILE C 479 -6.44 -2.68 15.13
CA ILE C 479 -7.28 -3.37 14.16
C ILE C 479 -7.36 -4.86 14.45
N ALA C 480 -6.28 -5.46 14.94
CA ALA C 480 -6.29 -6.89 15.23
C ALA C 480 -7.08 -7.22 16.49
N TRP C 481 -6.96 -6.40 17.54
CA TRP C 481 -7.52 -6.78 18.83
C TRP C 481 -8.67 -5.90 19.28
N ILE C 482 -8.50 -4.58 19.25
CA ILE C 482 -9.54 -3.71 19.78
C ILE C 482 -10.65 -3.50 18.77
N TYR C 483 -10.37 -3.64 17.48
CA TYR C 483 -11.41 -3.59 16.45
C TYR C 483 -11.87 -4.99 16.06
N GLY C 484 -10.95 -5.83 15.64
CA GLY C 484 -11.27 -7.21 15.31
C GLY C 484 -10.76 -7.61 13.95
N VAL C 485 -10.01 -8.71 13.91
CA VAL C 485 -9.54 -9.25 12.64
C VAL C 485 -10.71 -9.68 11.78
N ASN C 486 -11.71 -10.32 12.39
CA ASN C 486 -12.87 -10.80 11.66
C ASN C 486 -13.76 -9.66 11.19
N ARG C 487 -13.94 -8.64 12.02
CA ARG C 487 -14.72 -7.47 11.64
C ARG C 487 -14.03 -6.70 10.51
N PHE C 488 -12.71 -6.55 10.61
CA PHE C 488 -11.93 -5.93 9.54
C PHE C 488 -11.97 -6.75 8.26
N SER C 489 -11.93 -8.08 8.37
CA SER C 489 -12.00 -8.95 7.21
C SER C 489 -13.36 -8.86 6.54
N GLU C 490 -14.42 -8.71 7.34
CA GLU C 490 -15.75 -8.51 6.79
C GLU C 490 -15.84 -7.19 6.04
N ASP C 491 -15.23 -6.12 6.58
CA ASP C 491 -15.17 -4.85 5.86
C ASP C 491 -14.38 -4.98 4.56
N ILE C 492 -13.27 -5.73 4.61
CA ILE C 492 -12.43 -5.94 3.43
C ILE C 492 -13.19 -6.68 2.35
N ARG C 493 -13.93 -7.72 2.74
CA ARG C 493 -14.78 -8.44 1.79
C ARG C 493 -15.88 -7.53 1.25
N ASP C 494 -16.38 -6.59 2.05
CA ASP C 494 -17.37 -5.66 1.55
C ASP C 494 -16.80 -4.74 0.47
N MET C 495 -15.56 -4.28 0.64
CA MET C 495 -15.06 -3.36 -0.38
C MET C 495 -14.37 -4.07 -1.53
N ILE C 496 -13.59 -5.11 -1.25
CA ILE C 496 -12.82 -5.79 -2.28
C ILE C 496 -13.63 -6.94 -2.85
N GLY C 497 -13.97 -7.90 -1.99
CA GLY C 497 -14.70 -9.06 -2.46
C GLY C 497 -14.27 -10.36 -1.80
N TYR C 498 -13.18 -10.34 -1.05
CA TYR C 498 -12.74 -11.51 -0.33
C TYR C 498 -12.07 -11.08 0.96
N ARG C 499 -12.19 -11.94 1.98
CA ARG C 499 -11.49 -11.72 3.22
C ARG C 499 -10.00 -11.97 3.01
N PRO C 500 -9.12 -11.26 3.73
CA PRO C 500 -7.69 -11.49 3.57
C PRO C 500 -7.27 -12.84 4.12
N GLY C 501 -6.17 -13.34 3.58
CA GLY C 501 -5.71 -14.67 3.92
C GLY C 501 -5.08 -14.73 5.29
N PRO C 502 -4.65 -15.94 5.67
CA PRO C 502 -3.96 -16.09 6.97
C PRO C 502 -2.65 -15.35 7.06
N TRP C 503 -2.02 -15.01 5.92
CA TRP C 503 -0.82 -14.20 5.94
C TRP C 503 -1.09 -12.82 6.51
N MET C 504 -2.10 -12.13 5.95
CA MET C 504 -2.46 -10.80 6.43
C MET C 504 -3.04 -10.84 7.83
N LYS C 505 -3.88 -11.84 8.10
CA LYS C 505 -4.52 -11.97 9.40
C LYS C 505 -3.50 -12.18 10.51
N TYR C 506 -2.60 -13.15 10.32
CA TYR C 506 -1.59 -13.41 11.34
C TYR C 506 -0.47 -12.38 11.33
N SER C 507 -0.31 -11.62 10.25
CA SER C 507 0.64 -10.52 10.27
C SER C 507 0.13 -9.36 11.11
N TRP C 508 -1.15 -9.00 10.92
CA TRP C 508 -1.73 -7.94 11.74
C TRP C 508 -1.89 -8.37 13.19
N ALA C 509 -2.22 -9.65 13.41
CA ALA C 509 -2.39 -10.13 14.78
C ALA C 509 -1.05 -10.27 15.50
N VAL C 510 -0.19 -11.13 14.97
CA VAL C 510 1.01 -11.57 15.68
C VAL C 510 2.28 -10.93 15.10
N ILE C 511 2.51 -11.09 13.80
CA ILE C 511 3.85 -10.94 13.23
C ILE C 511 4.30 -9.48 13.26
N THR C 512 3.45 -8.54 12.85
CA THR C 512 3.87 -7.15 12.86
C THR C 512 3.93 -6.53 14.26
N PRO C 513 2.96 -6.75 15.18
CA PRO C 513 3.21 -6.30 16.56
C PRO C 513 4.43 -6.92 17.22
N ALA C 514 4.70 -8.20 16.97
CA ALA C 514 5.89 -8.82 17.56
C ALA C 514 7.16 -8.25 16.96
N LEU C 515 7.19 -8.00 15.65
CA LEU C 515 8.38 -7.44 15.02
C LEU C 515 8.64 -6.02 15.50
N CYS C 516 7.61 -5.18 15.55
CA CYS C 516 7.78 -3.80 15.98
C CYS C 516 8.13 -3.69 17.45
N VAL C 517 7.44 -4.46 18.31
CA VAL C 517 7.74 -4.44 19.74
C VAL C 517 9.12 -5.04 20.01
N GLY C 518 9.50 -6.09 19.28
CA GLY C 518 10.81 -6.69 19.46
C GLY C 518 11.94 -5.77 19.05
N CYS C 519 11.77 -5.06 17.93
CA CYS C 519 12.80 -4.12 17.50
C CYS C 519 12.89 -2.91 18.44
N PHE C 520 11.74 -2.41 18.89
CA PHE C 520 11.73 -1.29 19.82
C PHE C 520 12.39 -1.64 21.15
N VAL C 521 11.98 -2.76 21.75
CA VAL C 521 12.56 -3.19 23.03
C VAL C 521 14.02 -3.57 22.85
N PHE C 522 14.37 -4.16 21.70
CA PHE C 522 15.72 -4.65 21.45
C PHE C 522 16.68 -3.47 21.32
N SER C 523 16.25 -2.37 20.71
CA SER C 523 17.10 -1.18 20.74
C SER C 523 17.08 -0.48 22.08
N LEU C 524 15.97 -0.56 22.83
CA LEU C 524 15.96 0.09 24.13
C LEU C 524 16.77 -0.65 25.19
N VAL C 525 17.11 -1.92 24.95
CA VAL C 525 17.98 -2.64 25.87
C VAL C 525 19.42 -2.72 25.39
N LYS C 526 19.67 -2.49 24.10
CA LYS C 526 21.00 -2.60 23.50
C LYS C 526 21.32 -1.32 22.75
N TYR C 527 21.16 -0.19 23.44
CA TYR C 527 21.15 1.11 22.78
C TYR C 527 22.55 1.50 22.33
N VAL C 528 22.66 1.87 21.06
CA VAL C 528 23.84 2.56 20.55
C VAL C 528 23.38 3.94 20.09
N PRO C 529 24.18 4.98 20.29
CA PRO C 529 23.75 6.33 19.90
C PRO C 529 23.78 6.52 18.40
N LEU C 530 23.05 7.53 17.93
CA LEU C 530 23.09 7.88 16.53
C LEU C 530 24.45 8.48 16.20
N THR C 531 25.10 7.91 15.18
CA THR C 531 26.40 8.37 14.72
C THR C 531 26.32 8.70 13.24
N TYR C 532 26.71 9.91 12.88
CA TYR C 532 26.77 10.30 11.48
C TYR C 532 28.14 9.94 10.93
N ASN C 533 28.14 9.12 9.86
CA ASN C 533 29.32 8.73 9.09
C ASN C 533 30.36 8.01 9.93
N LYS C 534 29.88 7.26 10.94
CA LYS C 534 30.66 6.39 11.84
C LYS C 534 31.69 7.12 12.71
N VAL C 535 31.87 8.42 12.54
CA VAL C 535 32.91 9.15 13.27
C VAL C 535 32.35 10.28 14.12
N TYR C 536 31.17 10.81 13.81
CA TYR C 536 30.58 11.84 14.62
C TYR C 536 29.73 11.20 15.71
N ARG C 537 29.88 11.69 16.94
CA ARG C 537 29.02 11.31 18.04
C ARG C 537 28.16 12.52 18.38
N TYR C 538 26.85 12.36 18.28
CA TYR C 538 25.94 13.46 18.55
C TYR C 538 25.96 13.80 20.03
N PRO C 539 25.90 15.07 20.39
CA PRO C 539 25.76 15.44 21.81
C PRO C 539 24.40 15.04 22.33
N ASP C 540 24.32 14.90 23.66
CA ASP C 540 23.10 14.42 24.30
C ASP C 540 21.94 15.39 24.14
N TRP C 541 22.21 16.68 23.91
CA TRP C 541 21.13 17.58 23.56
C TRP C 541 20.61 17.31 22.15
N ALA C 542 21.48 16.90 21.24
CA ALA C 542 21.03 16.57 19.88
C ALA C 542 20.26 15.25 19.87
N ILE C 543 20.70 14.27 20.66
CA ILE C 543 19.94 13.04 20.80
C ILE C 543 18.61 13.31 21.48
N GLY C 544 18.60 14.23 22.45
CA GLY C 544 17.33 14.63 23.06
C GLY C 544 16.40 15.35 22.11
N LEU C 545 16.96 16.15 21.20
CA LEU C 545 16.15 16.81 20.18
C LEU C 545 15.57 15.80 19.19
N GLY C 546 16.37 14.82 18.79
CA GLY C 546 15.87 13.77 17.92
C GLY C 546 14.79 12.94 18.58
N TRP C 547 14.99 12.59 19.85
CA TRP C 547 13.95 11.89 20.59
C TRP C 547 12.73 12.77 20.82
N GLY C 548 12.92 14.09 20.88
CA GLY C 548 11.78 14.98 20.93
C GLY C 548 10.97 14.98 19.65
N LEU C 549 11.64 14.91 18.50
CA LEU C 549 10.93 14.79 17.23
C LEU C 549 10.20 13.45 17.13
N ALA C 550 10.87 12.37 17.55
CA ALA C 550 10.26 11.05 17.55
C ALA C 550 9.05 10.99 18.48
N LEU C 551 9.17 11.58 19.68
CA LEU C 551 8.08 11.57 20.63
C LEU C 551 6.96 12.51 20.22
N SER C 552 7.27 13.59 19.52
CA SER C 552 6.22 14.41 18.93
C SER C 552 5.46 13.64 17.86
N SER C 553 6.14 12.72 17.18
CA SER C 553 5.43 11.76 16.35
C SER C 553 4.75 10.66 17.19
N MET C 554 5.38 10.24 18.29
CA MET C 554 4.91 9.09 19.04
C MET C 554 3.87 9.42 20.10
N LEU C 555 4.03 10.52 20.84
CA LEU C 555 3.12 10.85 21.93
C LEU C 555 1.82 11.47 21.45
N CYS C 556 1.53 11.46 20.14
CA CYS C 556 0.20 11.83 19.69
C CYS C 556 -0.83 10.80 20.16
N ILE C 557 -0.48 9.51 20.10
CA ILE C 557 -1.44 8.47 20.47
C ILE C 557 -1.81 8.45 21.95
N PRO C 558 -0.87 8.42 22.92
CA PRO C 558 -1.32 8.37 24.32
C PRO C 558 -1.91 9.67 24.82
N LEU C 559 -1.47 10.83 24.32
CA LEU C 559 -2.12 12.07 24.74
C LEU C 559 -3.54 12.17 24.20
N VAL C 560 -3.79 11.67 22.98
CA VAL C 560 -5.16 11.62 22.48
C VAL C 560 -5.99 10.63 23.28
N ILE C 561 -5.39 9.53 23.72
CA ILE C 561 -6.08 8.57 24.60
C ILE C 561 -6.49 9.24 25.91
N VAL C 562 -5.57 9.99 26.51
CA VAL C 562 -5.84 10.66 27.79
C VAL C 562 -6.90 11.76 27.63
N ILE C 563 -6.78 12.59 26.59
CA ILE C 563 -7.75 13.68 26.46
C ILE C 563 -9.12 13.14 26.05
N LEU C 564 -9.18 12.03 25.31
CA LEU C 564 -10.47 11.45 24.98
C LEU C 564 -11.10 10.77 26.19
N LEU C 565 -10.28 10.23 27.09
CA LEU C 565 -10.81 9.72 28.34
C LEU C 565 -11.39 10.85 29.20
N CYS C 566 -10.67 11.97 29.30
CA CYS C 566 -11.12 13.05 30.18
C CYS C 566 -12.24 13.91 29.59
N ARG C 567 -12.38 13.98 28.26
CA ARG C 567 -13.51 14.72 27.69
C ARG C 567 -14.82 13.95 27.76
N THR C 568 -14.76 12.61 27.81
CA THR C 568 -15.96 11.79 27.89
C THR C 568 -16.27 11.49 29.35
N GLU C 569 -17.49 11.80 29.76
CA GLU C 569 -17.90 11.66 31.16
C GLU C 569 -18.44 10.26 31.42
N GLY C 570 -18.15 9.75 32.61
CA GLY C 570 -18.60 8.44 33.03
C GLY C 570 -17.53 7.72 33.82
N PRO C 571 -17.80 6.48 34.22
CA PRO C 571 -16.74 5.66 34.81
C PRO C 571 -15.76 5.20 33.74
N LEU C 572 -14.64 4.62 34.21
CA LEU C 572 -13.53 4.27 33.31
C LEU C 572 -13.94 3.18 32.33
N ARG C 573 -14.69 2.18 32.79
CA ARG C 573 -15.13 1.10 31.91
C ARG C 573 -16.10 1.62 30.85
N VAL C 574 -17.01 2.51 31.24
CA VAL C 574 -17.97 3.06 30.28
C VAL C 574 -17.27 3.96 29.27
N ARG C 575 -16.27 4.74 29.72
CA ARG C 575 -15.50 5.59 28.82
C ARG C 575 -14.72 4.75 27.81
N ILE C 576 -14.05 3.70 28.28
CA ILE C 576 -13.28 2.83 27.39
C ILE C 576 -14.20 2.11 26.40
N LYS C 577 -15.33 1.60 26.90
CA LYS C 577 -16.28 0.89 26.06
C LYS C 577 -16.87 1.81 25.00
N TYR C 578 -17.17 3.06 25.38
CA TYR C 578 -17.70 4.02 24.42
C TYR C 578 -16.66 4.41 23.39
N LEU C 579 -15.40 4.51 23.79
CA LEU C 579 -14.38 5.02 22.88
C LEU C 579 -13.78 3.95 21.98
N ILE C 580 -13.90 2.67 22.32
CA ILE C 580 -13.37 1.63 21.43
C ILE C 580 -14.42 1.08 20.46
N THR C 581 -15.70 1.32 20.70
CA THR C 581 -16.69 0.92 19.70
C THR C 581 -16.74 1.94 18.57
N PRO C 582 -16.76 1.50 17.31
CA PRO C 582 -16.71 2.44 16.19
C PRO C 582 -17.99 3.26 16.05
N ARG C 583 -17.82 4.43 15.45
CA ARG C 583 -18.95 5.32 15.18
C ARG C 583 -19.31 5.31 13.69
CL CL D . 12.68 0.62 0.18
#